data_6A5S
#
_entry.id   6A5S
#
_cell.length_a   88.088
_cell.length_b   82.229
_cell.length_c   88.092
_cell.angle_alpha   90.000
_cell.angle_beta   90.110
_cell.angle_gamma   90.000
#
_symmetry.space_group_name_H-M   'P 1 21 1'
#
loop_
_entity.id
_entity.type
_entity.pdbx_description
1 polymer '14-3-3 protein gamma'
2 polymer 'TFEB pS211-peptide'
3 non-polymer 'SODIUM ION'
4 non-polymer 'MAGNESIUM ION'
5 water water
#
loop_
_entity_poly.entity_id
_entity_poly.type
_entity_poly.pdbx_seq_one_letter_code
_entity_poly.pdbx_strand_id
1 'polypeptide(L)'
;MVDREQLVQKARLAEQAERYDDMAAAMKNVTELNEPLSNEERNLLSVAYKNVVGARRSSWRVISSIEQKTSADGNEKKIE
MVRAYREKIEKELEAVCQDVLSLLDNYLIKNCSETQYESKVFYLKMKGDYYRYLAEVATGEKRATVVESSEKAYSEAHEI
SKEHMQPTHPIRLGLALNYSVFYYEIQNAPEQACHLAKTAFDDAIAELDTLNEDSYKDSTLIMQLLRDNLTLWTSDQQDD
DGGEGNNS
;
A,B,D,G
2 'polypeptide(L)' LVGVTSS(SEP)CPADLTQ E,C,F,H
#
loop_
_chem_comp.id
_chem_comp.type
_chem_comp.name
_chem_comp.formula
MG non-polymer 'MAGNESIUM ION' 'Mg 2'
NA non-polymer 'SODIUM ION' 'Na 1'
#
# COMPACT_ATOMS: atom_id res chain seq x y z
N VAL A 2 -3.02 20.65 1.48
CA VAL A 2 -3.36 19.29 1.07
C VAL A 2 -2.14 18.56 0.49
N ASP A 3 -1.82 17.42 1.11
CA ASP A 3 -0.65 16.63 0.74
C ASP A 3 -0.83 15.84 -0.55
N ARG A 4 0.28 15.37 -1.11
CA ARG A 4 0.27 14.74 -2.44
C ARG A 4 -0.67 13.53 -2.49
N GLU A 5 -0.58 12.67 -1.49
CA GLU A 5 -1.36 11.44 -1.53
C GLU A 5 -2.87 11.73 -1.45
N GLN A 6 -3.24 12.82 -0.78
CA GLN A 6 -4.64 13.20 -0.71
CA GLN A 6 -4.64 13.24 -0.70
C GLN A 6 -5.13 13.72 -2.07
N LEU A 7 -4.26 14.46 -2.76
CA LEU A 7 -4.60 14.91 -4.13
C LEU A 7 -4.80 13.72 -5.06
N VAL A 8 -3.89 12.76 -5.02
CA VAL A 8 -4.05 11.55 -5.80
C VAL A 8 -5.31 10.77 -5.39
N GLN A 9 -5.55 10.66 -4.08
CA GLN A 9 -6.76 10.00 -3.59
C GLN A 9 -7.99 10.73 -4.11
N LYS A 10 -7.92 12.06 -4.14
CA LYS A 10 -9.03 12.85 -4.65
C LYS A 10 -9.25 12.56 -6.14
N ALA A 11 -8.17 12.41 -6.90
CA ALA A 11 -8.31 12.11 -8.32
C ALA A 11 -9.00 10.77 -8.52
N ARG A 12 -8.69 9.79 -7.68
CA ARG A 12 -9.31 8.47 -7.80
C ARG A 12 -10.80 8.54 -7.44
N LEU A 13 -11.11 9.36 -6.46
CA LEU A 13 -12.51 9.55 -6.01
C LEU A 13 -13.31 10.22 -7.10
N ALA A 14 -12.75 11.28 -7.67
CA ALA A 14 -13.35 11.97 -8.80
C ALA A 14 -13.64 11.01 -9.93
N GLU A 15 -12.66 10.14 -10.22
CA GLU A 15 -12.82 9.18 -11.31
C GLU A 15 -14.00 8.27 -11.08
N GLN A 16 -14.07 7.70 -9.87
CA GLN A 16 -15.17 6.83 -9.49
CA GLN A 16 -15.17 6.82 -9.52
C GLN A 16 -16.50 7.58 -9.57
N ALA A 17 -16.49 8.86 -9.22
CA ALA A 17 -17.69 9.71 -9.29
C ALA A 17 -17.96 10.26 -10.70
N GLU A 18 -17.10 9.90 -11.66
CA GLU A 18 -17.18 10.41 -13.03
C GLU A 18 -17.20 11.92 -13.09
N ARG A 19 -16.35 12.54 -12.28
CA ARG A 19 -16.20 13.98 -12.25
C ARG A 19 -14.81 14.28 -12.81
N TYR A 20 -14.72 14.33 -14.13
CA TYR A 20 -13.42 14.28 -14.78
C TYR A 20 -12.73 15.64 -14.74
N ASP A 21 -13.50 16.73 -14.69
CA ASP A 21 -12.88 18.03 -14.48
C ASP A 21 -12.13 18.05 -13.14
N ASP A 22 -12.79 17.56 -12.08
CA ASP A 22 -12.13 17.41 -10.78
C ASP A 22 -10.92 16.49 -10.85
N MET A 23 -11.08 15.37 -11.54
CA MET A 23 -10.00 14.39 -11.63
C MET A 23 -8.74 15.02 -12.23
N ALA A 24 -8.94 15.83 -13.28
CA ALA A 24 -7.83 16.47 -13.98
C ALA A 24 -7.18 17.59 -13.17
N ALA A 25 -7.98 18.43 -12.53
CA ALA A 25 -7.45 19.48 -11.66
C ALA A 25 -6.61 18.85 -10.54
N ALA A 26 -7.06 17.74 -9.98
CA ALA A 26 -6.26 17.06 -8.96
C ALA A 26 -4.90 16.59 -9.53
N MET A 27 -4.91 15.93 -10.69
CA MET A 27 -3.65 15.41 -11.21
C MET A 27 -2.76 16.53 -11.76
N LYS A 28 -3.38 17.63 -12.19
CA LYS A 28 -2.62 18.84 -12.50
C LYS A 28 -1.84 19.27 -11.27
N ASN A 29 -2.53 19.37 -10.13
CA ASN A 29 -1.88 19.72 -8.88
C ASN A 29 -0.79 18.73 -8.47
N VAL A 30 -1.07 17.43 -8.61
CA VAL A 30 -0.08 16.41 -8.28
C VAL A 30 1.20 16.61 -9.11
N THR A 31 1.02 16.78 -10.43
CA THR A 31 2.12 17.01 -11.37
C THR A 31 2.95 18.22 -10.99
N GLU A 32 2.28 19.25 -10.49
CA GLU A 32 2.94 20.52 -10.25
C GLU A 32 3.82 20.47 -8.99
N LEU A 33 3.66 19.42 -8.19
CA LEU A 33 4.56 19.17 -7.07
C LEU A 33 5.97 18.74 -7.53
N ASN A 34 6.10 18.41 -8.82
CA ASN A 34 7.38 18.14 -9.48
C ASN A 34 8.01 16.80 -9.12
N GLU A 35 7.30 15.98 -8.35
CA GLU A 35 7.69 14.59 -8.20
C GLU A 35 7.20 13.80 -9.40
N PRO A 36 7.93 12.75 -9.78
CA PRO A 36 7.56 11.94 -10.95
C PRO A 36 6.24 11.22 -10.73
N LEU A 37 5.50 11.01 -11.81
CA LEU A 37 4.28 10.22 -11.73
C LEU A 37 4.62 8.75 -11.88
N SER A 38 4.01 7.92 -11.04
CA SER A 38 4.09 6.48 -11.22
C SER A 38 3.27 6.12 -12.45
N ASN A 39 3.37 4.88 -12.90
CA ASN A 39 2.61 4.50 -14.08
C ASN A 39 1.10 4.65 -13.83
N GLU A 40 0.64 4.34 -12.62
CA GLU A 40 -0.77 4.47 -12.30
C GLU A 40 -1.19 5.94 -12.21
N GLU A 41 -0.33 6.79 -11.66
CA GLU A 41 -0.66 8.22 -11.59
C GLU A 41 -0.65 8.82 -12.98
N ARG A 42 0.24 8.33 -13.83
CA ARG A 42 0.30 8.75 -15.22
C ARG A 42 -0.98 8.35 -15.94
N ASN A 43 -1.48 7.16 -15.62
CA ASN A 43 -2.76 6.72 -16.14
C ASN A 43 -3.90 7.64 -15.69
N LEU A 44 -3.88 8.04 -14.41
CA LEU A 44 -4.91 8.94 -13.88
C LEU A 44 -4.90 10.27 -14.63
N LEU A 45 -3.71 10.83 -14.83
CA LEU A 45 -3.57 12.06 -15.58
C LEU A 45 -4.12 11.92 -16.98
N SER A 46 -3.72 10.85 -17.65
CA SER A 46 -4.07 10.64 -19.04
C SER A 46 -5.56 10.40 -19.24
N VAL A 47 -6.16 9.59 -18.37
CA VAL A 47 -7.60 9.33 -18.42
C VAL A 47 -8.38 10.60 -18.10
N ALA A 48 -7.96 11.33 -17.07
CA ALA A 48 -8.66 12.56 -16.68
C ALA A 48 -8.75 13.53 -17.85
N TYR A 49 -7.61 13.90 -18.40
CA TYR A 49 -7.61 14.91 -19.42
C TYR A 49 -8.22 14.44 -20.74
N LYS A 50 -8.12 13.15 -21.04
CA LYS A 50 -8.77 12.62 -22.23
C LYS A 50 -10.28 12.78 -22.13
N ASN A 51 -10.83 12.57 -20.95
CA ASN A 51 -12.27 12.75 -20.77
C ASN A 51 -12.70 14.21 -20.84
N VAL A 52 -11.94 15.07 -20.17
CA VAL A 52 -12.19 16.50 -20.19
C VAL A 52 -12.11 17.07 -21.60
N VAL A 53 -11.02 16.77 -22.30
CA VAL A 53 -10.88 17.34 -23.63
C VAL A 53 -11.84 16.60 -24.59
N GLY A 54 -12.07 15.32 -24.34
CA GLY A 54 -12.91 14.52 -25.20
C GLY A 54 -14.37 14.98 -25.19
N ALA A 55 -14.83 15.45 -24.05
CA ALA A 55 -16.19 15.97 -23.95
C ALA A 55 -16.30 17.21 -24.81
N ARG A 56 -15.26 18.04 -24.77
CA ARG A 56 -15.27 19.28 -25.54
C ARG A 56 -15.20 18.97 -27.03
N ARG A 57 -14.40 17.97 -27.39
CA ARG A 57 -14.25 17.58 -28.78
C ARG A 57 -15.57 17.05 -29.34
N SER A 58 -16.25 16.24 -28.55
CA SER A 58 -17.54 15.69 -28.95
C SER A 58 -18.55 16.82 -29.14
N SER A 59 -18.60 17.75 -28.17
CA SER A 59 -19.52 18.88 -28.23
C SER A 59 -19.23 19.79 -29.41
N TRP A 60 -17.94 20.06 -29.65
CA TRP A 60 -17.54 20.90 -30.75
C TRP A 60 -18.00 20.33 -32.08
N ARG A 61 -17.93 19.00 -32.22
CA ARG A 61 -18.31 18.39 -33.48
C ARG A 61 -19.81 18.53 -33.71
N VAL A 62 -20.59 18.30 -32.66
CA VAL A 62 -22.04 18.48 -32.75
C VAL A 62 -22.39 19.89 -33.23
N ILE A 63 -21.82 20.88 -32.56
CA ILE A 63 -22.15 22.27 -32.87
C ILE A 63 -21.65 22.67 -34.26
N SER A 64 -20.45 22.23 -34.61
CA SER A 64 -19.87 22.51 -35.93
CA SER A 64 -19.88 22.52 -35.92
C SER A 64 -20.74 21.92 -37.03
N SER A 65 -21.21 20.69 -36.80
CA SER A 65 -22.05 20.02 -37.76
C SER A 65 -23.39 20.74 -37.94
N ILE A 66 -24.02 21.11 -36.82
CA ILE A 66 -25.24 21.91 -36.88
C ILE A 66 -24.96 23.24 -37.59
N GLU A 67 -23.83 23.86 -37.30
CA GLU A 67 -23.48 25.14 -37.91
C GLU A 67 -23.40 25.03 -39.42
N GLN A 68 -22.91 23.89 -39.90
CA GLN A 68 -22.73 23.70 -41.33
C GLN A 68 -24.05 23.38 -42.01
N LYS A 69 -24.94 22.68 -41.31
CA LYS A 69 -26.25 22.34 -41.86
C LYS A 69 -27.24 23.51 -41.74
N THR A 70 -26.80 24.58 -41.11
CA THR A 70 -27.66 25.76 -40.91
C THR A 70 -27.37 26.83 -41.96
N ASN A 75 -31.77 34.78 -40.97
CA ASN A 75 -31.39 34.01 -39.80
C ASN A 75 -30.16 34.49 -39.04
N GLU A 76 -29.64 35.65 -39.34
CA GLU A 76 -28.45 36.16 -38.69
C GLU A 76 -28.30 35.88 -37.19
N LYS A 77 -29.37 36.11 -36.43
CA LYS A 77 -29.33 35.98 -34.98
C LYS A 77 -29.16 34.53 -34.55
N LYS A 78 -29.78 33.61 -35.30
CA LYS A 78 -29.68 32.18 -35.05
C LYS A 78 -28.26 31.68 -35.31
N ILE A 79 -27.73 32.00 -36.49
CA ILE A 79 -26.43 31.50 -36.91
C ILE A 79 -25.31 32.12 -36.07
N GLU A 80 -25.49 33.37 -35.67
CA GLU A 80 -24.51 34.06 -34.83
C GLU A 80 -24.40 33.40 -33.45
N MET A 81 -25.52 32.93 -32.93
CA MET A 81 -25.54 32.25 -31.64
CA MET A 81 -25.46 32.30 -31.63
C MET A 81 -24.87 30.89 -31.77
N VAL A 82 -25.11 30.23 -32.90
CA VAL A 82 -24.46 28.95 -33.13
C VAL A 82 -22.94 29.11 -33.15
N ARG A 83 -22.48 30.13 -33.87
CA ARG A 83 -21.06 30.44 -33.98
C ARG A 83 -20.47 30.79 -32.63
N ALA A 84 -21.13 31.71 -31.93
CA ALA A 84 -20.69 32.13 -30.61
C ALA A 84 -20.59 30.95 -29.66
N TYR A 85 -21.52 30.00 -29.78
CA TYR A 85 -21.52 28.86 -28.88
C TYR A 85 -20.40 27.90 -29.26
N ARG A 86 -20.16 27.75 -30.56
CA ARG A 86 -19.07 26.90 -31.01
C ARG A 86 -17.74 27.47 -30.51
N GLU A 87 -17.60 28.80 -30.60
CA GLU A 87 -16.38 29.46 -30.16
C GLU A 87 -16.19 29.31 -28.66
N LYS A 88 -17.30 29.39 -27.91
CA LYS A 88 -17.28 29.16 -26.49
C LYS A 88 -16.63 27.83 -26.18
N ILE A 89 -17.06 26.79 -26.90
CA ILE A 89 -16.55 25.45 -26.71
C ILE A 89 -15.09 25.38 -27.15
N GLU A 90 -14.79 26.11 -28.22
CA GLU A 90 -13.43 26.17 -28.73
C GLU A 90 -12.47 26.73 -27.71
N LYS A 91 -12.86 27.82 -27.05
CA LYS A 91 -11.99 28.45 -26.07
C LYS A 91 -11.80 27.53 -24.86
N GLU A 92 -12.82 26.75 -24.49
CA GLU A 92 -12.64 25.76 -23.40
C GLU A 92 -11.64 24.69 -23.80
N LEU A 93 -11.81 24.18 -25.02
CA LEU A 93 -10.96 23.12 -25.52
C LEU A 93 -9.50 23.59 -25.56
N GLU A 94 -9.29 24.82 -26.01
CA GLU A 94 -7.96 25.40 -26.08
C GLU A 94 -7.36 25.60 -24.68
N ALA A 95 -8.17 26.06 -23.73
CA ALA A 95 -7.70 26.21 -22.36
C ALA A 95 -7.25 24.88 -21.78
N VAL A 96 -7.98 23.82 -22.07
CA VAL A 96 -7.64 22.49 -21.55
C VAL A 96 -6.32 22.00 -22.15
N CYS A 97 -6.18 22.14 -23.47
CA CYS A 97 -4.97 21.69 -24.16
C CYS A 97 -3.77 22.47 -23.67
N GLN A 98 -3.95 23.77 -23.50
CA GLN A 98 -2.91 24.64 -22.97
C GLN A 98 -2.42 24.17 -21.60
N ASP A 99 -3.36 23.80 -20.72
CA ASP A 99 -3.02 23.28 -19.41
C ASP A 99 -2.15 22.01 -19.48
N VAL A 100 -2.58 21.06 -20.29
CA VAL A 100 -1.87 19.79 -20.44
C VAL A 100 -0.48 20.01 -21.01
N LEU A 101 -0.43 20.80 -22.07
CA LEU A 101 0.80 21.09 -22.75
C LEU A 101 1.81 21.81 -21.85
N SER A 102 1.32 22.70 -20.99
CA SER A 102 2.15 23.30 -19.94
C SER A 102 2.68 22.27 -18.96
N LEU A 103 1.82 21.36 -18.55
CA LEU A 103 2.22 20.27 -17.65
C LEU A 103 3.34 19.45 -18.28
N LEU A 104 3.17 19.10 -19.56
CA LEU A 104 4.18 18.32 -20.29
C LEU A 104 5.51 19.06 -20.42
N ASP A 105 5.46 20.30 -20.89
CA ASP A 105 6.69 21.08 -21.11
C ASP A 105 7.39 21.49 -19.82
N ASN A 106 6.61 21.81 -18.79
CA ASN A 106 7.20 22.41 -17.61
C ASN A 106 7.55 21.40 -16.52
N TYR A 107 7.00 20.20 -16.59
CA TYR A 107 7.33 19.19 -15.59
C TYR A 107 7.63 17.82 -16.19
N LEU A 108 6.65 17.29 -16.94
CA LEU A 108 6.62 15.86 -17.22
C LEU A 108 7.70 15.42 -18.22
N ILE A 109 7.76 16.08 -19.37
CA ILE A 109 8.83 15.80 -20.32
C ILE A 109 10.15 16.25 -19.70
N LYS A 110 10.13 17.42 -19.05
CA LYS A 110 11.34 18.02 -18.52
C LYS A 110 12.12 17.13 -17.54
N ASN A 111 11.41 16.37 -16.72
CA ASN A 111 12.07 15.59 -15.65
C ASN A 111 12.41 14.17 -16.07
N CYS A 112 12.18 13.83 -17.34
CA CYS A 112 12.64 12.56 -17.88
C CYS A 112 14.16 12.58 -18.05
N SER A 113 14.86 11.62 -17.45
CA SER A 113 16.30 11.51 -17.64
C SER A 113 16.63 10.82 -18.97
N GLU A 114 17.89 10.87 -19.36
CA GLU A 114 18.35 10.34 -20.65
C GLU A 114 17.75 8.97 -21.04
N THR A 115 17.68 8.04 -20.08
CA THR A 115 17.28 6.67 -20.43
C THR A 115 15.89 6.31 -19.92
N GLN A 116 15.10 7.30 -19.55
CA GLN A 116 13.68 7.06 -19.27
C GLN A 116 12.90 7.15 -20.59
N TYR A 117 13.13 6.18 -21.46
CA TYR A 117 12.61 6.22 -22.82
C TYR A 117 11.09 6.07 -22.87
N GLU A 118 10.56 5.08 -22.17
CA GLU A 118 9.12 4.82 -22.21
C GLU A 118 8.36 6.06 -21.78
N SER A 119 8.86 6.72 -20.74
CA SER A 119 8.19 7.93 -20.25
C SER A 119 8.30 9.07 -21.25
N LYS A 120 9.48 9.24 -21.84
CA LYS A 120 9.66 10.24 -22.88
C LYS A 120 8.71 10.00 -24.04
N VAL A 121 8.61 8.75 -24.48
CA VAL A 121 7.70 8.44 -25.58
C VAL A 121 6.25 8.71 -25.16
N PHE A 122 5.89 8.30 -23.96
CA PHE A 122 4.53 8.49 -23.46
C PHE A 122 4.17 9.98 -23.46
N TYR A 123 5.07 10.82 -22.96
CA TYR A 123 4.75 12.23 -22.76
C TYR A 123 4.84 13.04 -24.05
N LEU A 124 5.79 12.66 -24.92
CA LEU A 124 5.90 13.32 -26.21
C LEU A 124 4.72 12.98 -27.09
N LYS A 125 4.25 11.73 -27.00
CA LYS A 125 3.03 11.31 -27.67
C LYS A 125 1.86 12.16 -27.22
N MET A 126 1.75 12.34 -25.90
CA MET A 126 0.69 13.13 -25.31
C MET A 126 0.77 14.58 -25.77
N LYS A 127 1.99 15.11 -25.85
CA LYS A 127 2.19 16.44 -26.40
C LYS A 127 1.66 16.49 -27.85
N GLY A 128 1.98 15.47 -28.64
CA GLY A 128 1.48 15.42 -30.01
C GLY A 128 -0.03 15.38 -30.03
N ASP A 129 -0.61 14.63 -29.10
CA ASP A 129 -2.07 14.47 -29.03
C ASP A 129 -2.77 15.80 -28.79
N TYR A 130 -2.35 16.55 -27.78
CA TYR A 130 -3.08 17.75 -27.41
C TYR A 130 -2.81 18.89 -28.37
N TYR A 131 -1.67 18.86 -29.07
CA TYR A 131 -1.52 19.79 -30.18
C TYR A 131 -2.45 19.40 -31.35
N ARG A 132 -2.65 18.09 -31.52
CA ARG A 132 -3.54 17.60 -32.55
C ARG A 132 -4.98 18.05 -32.28
N TYR A 133 -5.42 17.96 -31.03
CA TYR A 133 -6.78 18.39 -30.68
C TYR A 133 -6.93 19.88 -30.93
N LEU A 134 -5.87 20.66 -30.65
CA LEU A 134 -5.89 22.07 -31.03
C LEU A 134 -6.07 22.24 -32.55
N ALA A 135 -5.35 21.42 -33.31
CA ALA A 135 -5.37 21.50 -34.76
C ALA A 135 -6.74 21.16 -35.33
N GLU A 136 -7.50 20.37 -34.60
CA GLU A 136 -8.81 19.93 -35.07
C GLU A 136 -9.76 21.12 -35.23
N VAL A 137 -9.56 22.17 -34.43
CA VAL A 137 -10.45 23.32 -34.48
C VAL A 137 -9.77 24.60 -34.95
N ALA A 138 -8.44 24.63 -34.95
CA ALA A 138 -7.70 25.82 -35.35
C ALA A 138 -7.90 26.16 -36.81
N THR A 139 -7.76 27.45 -37.13
CA THR A 139 -7.75 27.92 -38.52
C THR A 139 -6.54 28.84 -38.74
N GLY A 140 -6.17 29.04 -40.00
CA GLY A 140 -5.15 30.01 -40.37
C GLY A 140 -3.74 29.77 -39.88
N GLU A 141 -3.07 30.85 -39.47
CA GLU A 141 -1.69 30.79 -39.01
C GLU A 141 -1.59 30.08 -37.68
N LYS A 142 -2.64 30.19 -36.89
CA LYS A 142 -2.71 29.50 -35.62
C LYS A 142 -2.70 27.99 -35.89
N ARG A 143 -3.41 27.58 -36.93
CA ARG A 143 -3.48 26.16 -37.25
C ARG A 143 -2.12 25.61 -37.67
N ALA A 144 -1.41 26.35 -38.52
CA ALA A 144 -0.11 25.88 -38.99
C ALA A 144 0.84 25.65 -37.82
N THR A 145 0.82 26.56 -36.85
CA THR A 145 1.67 26.47 -35.68
C THR A 145 1.40 25.22 -34.86
N VAL A 146 0.14 24.92 -34.59
CA VAL A 146 -0.16 23.77 -33.74
C VAL A 146 0.00 22.46 -34.50
N VAL A 147 -0.22 22.48 -35.80
CA VAL A 147 0.05 21.30 -36.63
C VAL A 147 1.56 20.98 -36.61
N GLU A 148 2.39 22.00 -36.74
CA GLU A 148 3.83 21.83 -36.75
C GLU A 148 4.36 21.38 -35.37
N SER A 149 3.77 21.92 -34.31
CA SER A 149 4.10 21.47 -32.95
C SER A 149 3.68 20.04 -32.71
N SER A 150 2.47 19.66 -33.16
CA SER A 150 2.02 18.28 -33.01
C SER A 150 2.98 17.31 -33.69
N GLU A 151 3.30 17.61 -34.94
CA GLU A 151 4.18 16.77 -35.76
C GLU A 151 5.57 16.61 -35.15
N LYS A 152 6.11 17.72 -34.65
CA LYS A 152 7.40 17.73 -33.97
C LYS A 152 7.41 16.78 -32.78
N ALA A 153 6.37 16.85 -31.96
CA ALA A 153 6.29 15.99 -30.77
C ALA A 153 6.20 14.51 -31.17
N TYR A 154 5.30 14.20 -32.08
CA TYR A 154 5.16 12.83 -32.59
C TYR A 154 6.45 12.30 -33.21
N SER A 155 7.09 13.15 -34.01
CA SER A 155 8.30 12.78 -34.72
C SER A 155 9.43 12.42 -33.74
N GLU A 156 9.63 13.25 -32.72
CA GLU A 156 10.62 12.98 -31.70
C GLU A 156 10.28 11.71 -30.90
N ALA A 157 9.01 11.53 -30.51
CA ALA A 157 8.63 10.32 -29.76
C ALA A 157 8.84 9.07 -30.62
N HIS A 158 8.49 9.18 -31.89
CA HIS A 158 8.67 8.08 -32.85
C HIS A 158 10.13 7.66 -32.97
N GLU A 159 11.04 8.62 -33.11
CA GLU A 159 12.47 8.27 -33.20
C GLU A 159 13.00 7.60 -31.93
N ILE A 160 12.56 8.08 -30.77
CA ILE A 160 13.00 7.48 -29.52
C ILE A 160 12.46 6.06 -29.43
N SER A 161 11.18 5.90 -29.79
CA SER A 161 10.52 4.60 -29.74
C SER A 161 11.18 3.59 -30.69
N LYS A 162 11.56 4.04 -31.87
CA LYS A 162 12.19 3.16 -32.84
C LYS A 162 13.61 2.74 -32.42
N GLU A 163 14.32 3.61 -31.72
CA GLU A 163 15.69 3.30 -31.35
C GLU A 163 15.80 2.58 -30.01
N HIS A 164 14.86 2.82 -29.12
CA HIS A 164 15.01 2.40 -27.74
C HIS A 164 13.86 1.60 -27.12
N MET A 165 12.91 1.16 -27.95
CA MET A 165 11.80 0.32 -27.48
C MET A 165 11.52 -0.80 -28.49
N GLN A 166 10.93 -1.90 -28.02
CA GLN A 166 10.56 -3.00 -28.91
C GLN A 166 9.31 -2.64 -29.72
N PRO A 167 9.22 -3.14 -30.96
CA PRO A 167 8.08 -2.83 -31.84
C PRO A 167 6.76 -3.31 -31.23
N THR A 168 6.84 -4.21 -30.27
CA THR A 168 5.67 -4.80 -29.64
C THR A 168 5.14 -3.97 -28.47
N HIS A 169 5.88 -2.96 -28.03
CA HIS A 169 5.48 -2.23 -26.83
C HIS A 169 4.22 -1.39 -27.08
N PRO A 170 3.21 -1.55 -26.22
CA PRO A 170 1.94 -0.84 -26.40
C PRO A 170 2.11 0.69 -26.48
N ILE A 171 3.07 1.24 -25.74
CA ILE A 171 3.29 2.67 -25.83
C ILE A 171 3.81 3.03 -27.23
N ARG A 172 4.71 2.21 -27.78
CA ARG A 172 5.18 2.43 -29.14
C ARG A 172 4.07 2.24 -30.17
N LEU A 173 3.30 1.17 -30.01
CA LEU A 173 2.20 0.91 -30.93
C LEU A 173 1.19 2.06 -30.86
N GLY A 174 0.90 2.50 -29.63
CA GLY A 174 -0.07 3.56 -29.40
C GLY A 174 0.34 4.88 -30.04
N LEU A 175 1.64 5.16 -30.00
CA LEU A 175 2.17 6.34 -30.65
C LEU A 175 2.00 6.28 -32.17
N ALA A 176 2.34 5.13 -32.76
CA ALA A 176 2.18 4.97 -34.21
C ALA A 176 0.72 5.16 -34.64
N LEU A 177 -0.19 4.63 -33.83
CA LEU A 177 -1.62 4.79 -34.07
C LEU A 177 -2.00 6.26 -34.16
N ASN A 178 -1.73 7.02 -33.10
CA ASN A 178 -2.12 8.42 -33.08
C ASN A 178 -1.34 9.27 -34.10
N TYR A 179 -0.08 8.90 -34.33
CA TYR A 179 0.73 9.57 -35.33
C TYR A 179 0.14 9.34 -36.74
N SER A 180 -0.31 8.12 -37.03
CA SER A 180 -0.92 7.86 -38.33
C SER A 180 -2.26 8.58 -38.45
N VAL A 181 -2.97 8.71 -37.34
CA VAL A 181 -4.24 9.45 -37.35
C VAL A 181 -3.98 10.92 -37.65
N PHE A 182 -2.90 11.46 -37.07
CA PHE A 182 -2.45 12.82 -37.37
C PHE A 182 -2.21 13.04 -38.87
N TYR A 183 -1.54 12.09 -39.49
CA TYR A 183 -1.28 12.16 -40.92
C TYR A 183 -2.60 12.15 -41.70
N TYR A 184 -3.49 11.23 -41.34
CA TYR A 184 -4.73 11.07 -42.11
C TYR A 184 -5.67 12.22 -41.88
N GLU A 185 -6.01 12.48 -40.62
CA GLU A 185 -7.01 13.48 -40.28
C GLU A 185 -6.52 14.91 -40.37
N ILE A 186 -5.27 15.16 -39.99
CA ILE A 186 -4.81 16.54 -39.87
C ILE A 186 -4.00 16.99 -41.10
N GLN A 187 -3.10 16.14 -41.60
CA GLN A 187 -2.26 16.52 -42.73
C GLN A 187 -2.86 16.10 -44.07
N ASN A 188 -4.01 15.43 -44.02
CA ASN A 188 -4.62 14.74 -45.15
C ASN A 188 -3.56 14.05 -46.02
N ALA A 189 -2.73 13.24 -45.36
CA ALA A 189 -1.69 12.49 -46.04
C ALA A 189 -1.95 11.02 -45.89
N PRO A 190 -2.96 10.49 -46.62
CA PRO A 190 -3.40 9.10 -46.42
C PRO A 190 -2.32 8.07 -46.70
N GLU A 191 -1.41 8.36 -47.62
CA GLU A 191 -0.33 7.43 -47.90
C GLU A 191 0.66 7.30 -46.74
N GLN A 192 1.09 8.43 -46.20
CA GLN A 192 1.92 8.44 -45.01
C GLN A 192 1.22 7.75 -43.85
N ALA A 193 -0.07 8.08 -43.63
CA ALA A 193 -0.86 7.47 -42.58
C ALA A 193 -0.87 5.95 -42.71
N CYS A 194 -1.17 5.45 -43.91
CA CYS A 194 -1.31 4.02 -44.11
C CYS A 194 0.03 3.31 -43.98
N HIS A 195 1.08 3.91 -44.52
CA HIS A 195 2.40 3.29 -44.43
C HIS A 195 2.83 3.16 -42.97
N LEU A 196 2.66 4.23 -42.21
CA LEU A 196 3.02 4.19 -40.79
C LEU A 196 2.21 3.13 -40.06
N ALA A 197 0.90 3.12 -40.26
CA ALA A 197 0.04 2.18 -39.56
C ALA A 197 0.42 0.74 -39.91
N LYS A 198 0.56 0.44 -41.21
CA LYS A 198 0.87 -0.93 -41.63
C LYS A 198 2.22 -1.44 -41.13
N THR A 199 3.26 -0.62 -41.23
CA THR A 199 4.59 -1.06 -40.80
CA THR A 199 4.58 -1.06 -40.80
C THR A 199 4.60 -1.29 -39.29
N ALA A 200 3.89 -0.45 -38.54
CA ALA A 200 3.84 -0.59 -37.09
C ALA A 200 3.16 -1.88 -36.72
N PHE A 201 2.01 -2.13 -37.34
CA PHE A 201 1.28 -3.38 -37.16
C PHE A 201 2.17 -4.58 -37.52
N ASP A 202 2.77 -4.53 -38.72
CA ASP A 202 3.57 -5.63 -39.24
C ASP A 202 4.78 -5.93 -38.36
N ASP A 203 5.45 -4.88 -37.88
CA ASP A 203 6.63 -5.04 -37.03
C ASP A 203 6.36 -5.69 -35.68
N ALA A 204 5.10 -5.67 -35.23
CA ALA A 204 4.76 -6.17 -33.91
C ALA A 204 4.32 -7.64 -33.92
N ILE A 205 3.96 -8.18 -35.08
CA ILE A 205 3.46 -9.55 -35.17
C ILE A 205 4.41 -10.62 -34.60
N ALA A 206 5.65 -10.62 -35.10
CA ALA A 206 6.55 -11.74 -34.87
C ALA A 206 6.79 -12.02 -33.39
N GLU A 207 6.90 -10.98 -32.56
CA GLU A 207 7.26 -11.21 -31.16
C GLU A 207 6.11 -10.87 -30.21
N LEU A 208 4.91 -10.75 -30.75
CA LEU A 208 3.73 -10.42 -29.95
C LEU A 208 3.50 -11.38 -28.78
N ASP A 209 3.73 -12.67 -29.00
CA ASP A 209 3.49 -13.67 -27.96
C ASP A 209 4.53 -13.62 -26.84
N THR A 210 5.59 -12.83 -27.02
CA THR A 210 6.59 -12.65 -25.97
C THR A 210 6.16 -11.62 -24.92
N LEU A 211 5.09 -10.89 -25.19
CA LEU A 211 4.63 -9.85 -24.27
C LEU A 211 4.08 -10.42 -22.95
N ASN A 212 4.29 -9.64 -21.90
CA ASN A 212 3.63 -9.80 -20.63
C ASN A 212 2.09 -9.80 -20.85
N GLU A 213 1.33 -10.47 -19.99
CA GLU A 213 -0.10 -10.66 -20.26
C GLU A 213 -0.88 -9.33 -20.32
N ASP A 214 -0.50 -8.36 -19.51
CA ASP A 214 -1.19 -7.06 -19.57
C ASP A 214 -0.77 -6.31 -20.83
N SER A 215 0.52 -6.38 -21.15
CA SER A 215 1.04 -5.70 -22.34
C SER A 215 0.41 -6.30 -23.58
N TYR A 216 0.33 -7.64 -23.64
CA TYR A 216 -0.31 -8.34 -24.76
C TYR A 216 -1.73 -7.82 -25.01
N LYS A 217 -2.51 -7.76 -23.94
CA LYS A 217 -3.85 -7.19 -23.99
C LYS A 217 -3.86 -5.78 -24.61
N ASP A 218 -3.03 -4.88 -24.09
CA ASP A 218 -3.01 -3.50 -24.59
C ASP A 218 -2.55 -3.42 -26.05
N SER A 219 -1.54 -4.19 -26.42
CA SER A 219 -1.00 -4.12 -27.77
C SER A 219 -1.95 -4.70 -28.82
N THR A 220 -2.59 -5.82 -28.52
CA THR A 220 -3.53 -6.41 -29.48
C THR A 220 -4.71 -5.46 -29.72
N LEU A 221 -5.19 -4.77 -28.67
CA LEU A 221 -6.23 -3.76 -28.83
C LEU A 221 -5.79 -2.66 -29.81
N ILE A 222 -4.59 -2.12 -29.58
CA ILE A 222 -4.07 -1.06 -30.43
C ILE A 222 -3.90 -1.56 -31.85
N MET A 223 -3.43 -2.80 -31.99
CA MET A 223 -3.23 -3.37 -33.32
C MET A 223 -4.56 -3.52 -34.05
N GLN A 224 -5.61 -3.88 -33.32
CA GLN A 224 -6.93 -3.92 -33.92
C GLN A 224 -7.37 -2.53 -34.40
N LEU A 225 -7.05 -1.49 -33.62
CA LEU A 225 -7.41 -0.14 -34.03
C LEU A 225 -6.61 0.31 -35.26
N LEU A 226 -5.34 -0.10 -35.33
CA LEU A 226 -4.51 0.15 -36.51
C LEU A 226 -5.17 -0.48 -37.74
N ARG A 227 -5.61 -1.72 -37.60
CA ARG A 227 -6.20 -2.45 -38.71
C ARG A 227 -7.54 -1.82 -39.11
N ASP A 228 -8.40 -1.56 -38.12
CA ASP A 228 -9.70 -0.92 -38.38
C ASP A 228 -9.51 0.37 -39.15
N ASN A 229 -8.50 1.14 -38.75
CA ASN A 229 -8.18 2.40 -39.41
C ASN A 229 -7.75 2.19 -40.86
N LEU A 230 -6.84 1.24 -41.09
CA LEU A 230 -6.36 0.91 -42.44
C LEU A 230 -7.53 0.53 -43.34
N THR A 231 -8.40 -0.33 -42.84
CA THR A 231 -9.59 -0.74 -43.58
C THR A 231 -10.44 0.48 -43.92
N LEU A 232 -10.71 1.31 -42.93
CA LEU A 232 -11.50 2.52 -43.14
C LEU A 232 -10.83 3.47 -44.14
N TRP A 233 -9.52 3.60 -44.05
CA TRP A 233 -8.80 4.56 -44.90
C TRP A 233 -8.63 4.04 -46.34
N THR A 234 -8.65 2.72 -46.51
CA THR A 234 -8.48 2.15 -47.84
C THR A 234 -9.82 1.77 -48.51
N SER A 235 -10.93 2.23 -47.93
CA SER A 235 -12.26 1.93 -48.48
C SER A 235 -12.58 2.82 -49.65
N VAL B 4 -18.46 7.77 -39.34
CA VAL B 4 -17.37 7.10 -38.65
C VAL B 4 -16.07 7.89 -38.82
N THR B 5 -15.24 7.89 -37.78
CA THR B 5 -13.95 8.56 -37.84
C THR B 5 -12.83 7.60 -37.47
N SER B 6 -11.61 8.03 -37.71
CA SER B 6 -10.45 7.23 -37.34
C SER B 6 -10.46 7.02 -35.82
N SER B 7 -10.02 5.84 -35.40
CA SER B 7 -9.87 5.54 -33.98
C SER B 7 -8.44 5.90 -33.53
N SEP B 8 -8.31 6.50 -32.35
CA SEP B 8 -7.01 6.84 -31.77
CB SEP B 8 -6.95 8.33 -31.42
OG SEP B 8 -8.04 8.69 -30.57
C SEP B 8 -6.79 5.99 -30.52
O SEP B 8 -7.63 5.17 -30.16
P SEP B 8 -8.04 10.27 -30.26
O1P SEP B 8 -6.61 10.67 -29.66
O2P SEP B 8 -8.30 11.08 -31.63
O3P SEP B 8 -9.21 10.60 -29.22
N CYS B 9 -5.65 6.19 -29.87
CA CYS B 9 -5.21 5.30 -28.80
C CYS B 9 -6.01 5.47 -27.51
N PRO B 10 -6.30 4.36 -26.82
CA PRO B 10 -6.85 4.42 -25.46
C PRO B 10 -5.97 5.27 -24.54
N ALA B 11 -6.56 5.96 -23.58
CA ALA B 11 -5.82 6.86 -22.69
C ALA B 11 -5.05 6.12 -21.60
N ASP B 12 -5.34 4.85 -21.40
CA ASP B 12 -4.74 4.12 -20.27
C ASP B 12 -3.96 2.87 -20.69
N LEU B 13 -3.11 2.40 -19.79
CA LEU B 13 -2.44 1.12 -19.93
C LEU B 13 -2.95 0.16 -18.86
N THR B 14 -2.65 -1.12 -19.01
CA THR B 14 -3.02 -2.11 -18.00
C THR B 14 -1.83 -2.40 -17.10
N ASP C 3 -31.85 38.33 -25.99
CA ASP C 3 -33.07 37.99 -26.72
C ASP C 3 -33.53 36.56 -26.39
N ARG C 4 -34.82 36.44 -26.10
CA ARG C 4 -35.38 35.22 -25.50
C ARG C 4 -35.20 33.99 -26.35
N GLU C 5 -35.49 34.13 -27.64
CA GLU C 5 -35.40 32.99 -28.54
C GLU C 5 -33.97 32.52 -28.73
N GLN C 6 -32.99 33.42 -28.68
CA GLN C 6 -31.59 33.03 -28.73
C GLN C 6 -31.23 32.15 -27.53
N LEU C 7 -31.70 32.53 -26.36
CA LEU C 7 -31.46 31.75 -25.15
C LEU C 7 -32.05 30.36 -25.23
N VAL C 8 -33.25 30.25 -25.77
CA VAL C 8 -33.87 28.94 -25.95
C VAL C 8 -33.11 28.13 -27.00
N GLN C 9 -32.76 28.78 -28.10
CA GLN C 9 -31.91 28.17 -29.11
C GLN C 9 -30.62 27.62 -28.47
N LYS C 10 -30.00 28.43 -27.62
CA LYS C 10 -28.78 28.04 -26.94
C LYS C 10 -29.03 26.78 -26.09
N ALA C 11 -30.13 26.79 -25.36
CA ALA C 11 -30.51 25.63 -24.55
C ALA C 11 -30.61 24.37 -25.39
N ARG C 12 -31.23 24.49 -26.58
CA ARG C 12 -31.35 23.35 -27.49
C ARG C 12 -29.98 22.86 -27.98
N LEU C 13 -29.10 23.81 -28.28
CA LEU C 13 -27.75 23.50 -28.76
C LEU C 13 -26.96 22.79 -27.66
N ALA C 14 -27.04 23.35 -26.45
CA ALA C 14 -26.38 22.77 -25.30
C ALA C 14 -26.83 21.33 -25.09
N GLU C 15 -28.14 21.08 -25.24
CA GLU C 15 -28.65 19.72 -25.08
C GLU C 15 -28.02 18.77 -26.10
N GLN C 16 -28.03 19.16 -27.37
CA GLN C 16 -27.45 18.35 -28.42
C GLN C 16 -25.96 18.10 -28.17
N ALA C 17 -25.28 19.11 -27.64
CA ALA C 17 -23.87 18.99 -27.24
C ALA C 17 -23.69 18.29 -25.88
N GLU C 18 -24.80 17.91 -25.25
CA GLU C 18 -24.76 17.29 -23.93
C GLU C 18 -23.98 18.14 -22.93
N ARG C 19 -24.19 19.44 -22.97
CA ARG C 19 -23.62 20.36 -21.99
C ARG C 19 -24.76 20.89 -21.11
N TYR C 20 -25.09 20.12 -20.08
CA TYR C 20 -26.33 20.35 -19.35
C TYR C 20 -26.24 21.51 -18.37
N ASP C 21 -25.04 21.83 -17.88
CA ASP C 21 -24.88 23.06 -17.11
C ASP C 21 -25.26 24.28 -17.95
N ASP C 22 -24.76 24.34 -19.19
CA ASP C 22 -25.13 25.41 -20.13
C ASP C 22 -26.64 25.43 -20.39
N MET C 23 -27.17 24.24 -20.66
CA MET C 23 -28.59 24.07 -20.93
C MET C 23 -29.46 24.66 -19.81
N ALA C 24 -29.19 24.25 -18.59
CA ALA C 24 -29.92 24.75 -17.43
C ALA C 24 -29.75 26.26 -17.21
N ALA C 25 -28.52 26.77 -17.38
CA ALA C 25 -28.27 28.20 -17.22
C ALA C 25 -29.07 29.01 -18.25
N ALA C 26 -29.17 28.48 -19.46
CA ALA C 26 -29.96 29.16 -20.49
C ALA C 26 -31.45 29.17 -20.09
N MET C 27 -31.98 28.01 -19.73
CA MET C 27 -33.39 27.95 -19.38
C MET C 27 -33.71 28.72 -18.10
N LYS C 28 -32.74 28.84 -17.20
CA LYS C 28 -32.90 29.67 -16.01
C LYS C 28 -33.11 31.13 -16.40
N ASN C 29 -32.24 31.64 -17.28
CA ASN C 29 -32.38 32.99 -17.81
C ASN C 29 -33.71 33.23 -18.54
N VAL C 30 -34.13 32.25 -19.33
CA VAL C 30 -35.41 32.33 -20.02
C VAL C 30 -36.56 32.50 -19.01
N THR C 31 -36.58 31.65 -17.99
CA THR C 31 -37.62 31.66 -16.96
C THR C 31 -37.69 33.02 -16.26
N GLU C 32 -36.52 33.61 -16.04
CA GLU C 32 -36.43 34.85 -15.27
C GLU C 32 -36.95 36.06 -16.05
N LEU C 33 -37.28 35.84 -17.32
CA LEU C 33 -37.94 36.85 -18.14
C LEU C 33 -39.42 36.99 -17.78
N ASN C 34 -39.93 36.00 -17.05
CA ASN C 34 -41.29 36.02 -16.51
C ASN C 34 -42.38 35.84 -17.56
N GLU C 35 -42.00 35.39 -18.76
CA GLU C 35 -42.98 34.90 -19.73
C GLU C 35 -43.15 33.39 -19.52
N PRO C 36 -44.37 32.87 -19.79
CA PRO C 36 -44.64 31.46 -19.49
C PRO C 36 -43.78 30.56 -20.35
N LEU C 37 -43.52 29.34 -19.90
CA LEU C 37 -42.80 28.40 -20.72
C LEU C 37 -43.80 27.59 -21.52
N SER C 38 -43.50 27.35 -22.80
CA SER C 38 -44.30 26.45 -23.60
C SER C 38 -44.01 25.03 -23.16
N ASN C 39 -44.77 24.06 -23.66
CA ASN C 39 -44.54 22.69 -23.21
C ASN C 39 -43.13 22.22 -23.56
N GLU C 40 -42.63 22.64 -24.73
CA GLU C 40 -41.28 22.27 -25.16
C GLU C 40 -40.23 22.97 -24.32
N GLU C 41 -40.48 24.23 -23.96
CA GLU C 41 -39.54 24.97 -23.12
C GLU C 41 -39.53 24.40 -21.71
N ARG C 42 -40.69 24.01 -21.22
CA ARG C 42 -40.81 23.37 -19.92
C ARG C 42 -40.04 22.05 -19.90
N ASN C 43 -40.15 21.27 -20.96
CA ASN C 43 -39.31 20.09 -21.13
C ASN C 43 -37.81 20.37 -21.14
N LEU C 44 -37.39 21.42 -21.82
CA LEU C 44 -35.96 21.78 -21.82
C LEU C 44 -35.47 22.09 -20.41
N LEU C 45 -36.25 22.86 -19.67
CA LEU C 45 -35.94 23.18 -18.30
C LEU C 45 -35.83 21.90 -17.48
N SER C 46 -36.84 21.05 -17.59
CA SER C 46 -36.90 19.86 -16.76
C SER C 46 -35.74 18.90 -17.07
N VAL C 47 -35.44 18.75 -18.35
CA VAL C 47 -34.37 17.83 -18.76
C VAL C 47 -33.01 18.35 -18.33
N ALA C 48 -32.79 19.65 -18.52
CA ALA C 48 -31.53 20.27 -18.15
C ALA C 48 -31.22 20.07 -16.67
N TYR C 49 -32.13 20.48 -15.81
CA TYR C 49 -31.85 20.44 -14.39
C TYR C 49 -31.81 19.03 -13.84
N LYS C 50 -32.55 18.12 -14.45
CA LYS C 50 -32.51 16.74 -14.01
C LYS C 50 -31.15 16.14 -14.30
N ASN C 51 -30.56 16.51 -15.43
CA ASN C 51 -29.20 16.03 -15.71
C ASN C 51 -28.15 16.69 -14.80
N VAL C 52 -28.30 17.98 -14.56
CA VAL C 52 -27.38 18.70 -13.69
C VAL C 52 -27.43 18.13 -12.26
N VAL C 53 -28.62 18.02 -11.67
CA VAL C 53 -28.71 17.51 -10.32
C VAL C 53 -28.47 16.00 -10.30
N GLY C 54 -28.86 15.32 -11.36
CA GLY C 54 -28.74 13.87 -11.46
C GLY C 54 -27.30 13.39 -11.45
N ALA C 55 -26.44 14.13 -12.14
CA ALA C 55 -25.01 13.82 -12.14
C ALA C 55 -24.45 13.95 -10.73
N ARG C 56 -24.86 14.97 -9.98
CA ARG C 56 -24.39 15.13 -8.60
C ARG C 56 -24.93 14.08 -7.64
N ARG C 57 -26.19 13.71 -7.81
CA ARG C 57 -26.76 12.65 -6.98
C ARG C 57 -25.97 11.37 -7.20
N SER C 58 -25.74 11.05 -8.46
CA SER C 58 -24.97 9.86 -8.82
C SER C 58 -23.57 9.90 -8.21
N SER C 59 -22.90 11.03 -8.35
CA SER C 59 -21.57 11.25 -7.74
C SER C 59 -21.61 11.16 -6.22
N TRP C 60 -22.61 11.82 -5.62
CA TRP C 60 -22.73 11.78 -4.17
C TRP C 60 -22.91 10.34 -3.67
N ARG C 61 -23.67 9.53 -4.39
CA ARG C 61 -23.89 8.16 -3.92
C ARG C 61 -22.61 7.32 -3.98
N VAL C 62 -21.81 7.54 -5.01
CA VAL C 62 -20.54 6.84 -5.12
C VAL C 62 -19.62 7.22 -3.96
N ILE C 63 -19.52 8.53 -3.67
CA ILE C 63 -18.61 8.98 -2.65
C ILE C 63 -19.11 8.54 -1.27
N SER C 64 -20.42 8.66 -1.05
CA SER C 64 -21.02 8.31 0.22
C SER C 64 -20.75 6.84 0.55
N SER C 65 -20.90 5.98 -0.46
CA SER C 65 -20.68 4.56 -0.32
C SER C 65 -19.22 4.26 0.01
N ILE C 66 -18.32 4.89 -0.73
CA ILE C 66 -16.89 4.78 -0.44
C ILE C 66 -16.63 5.24 0.99
N GLU C 67 -17.24 6.35 1.39
CA GLU C 67 -17.03 6.89 2.73
C GLU C 67 -17.43 5.85 3.78
N GLN C 68 -18.50 5.13 3.50
CA GLN C 68 -19.03 4.17 4.45
C GLN C 68 -18.19 2.90 4.53
N LYS C 69 -17.65 2.45 3.40
CA LYS C 69 -16.88 1.21 3.36
C LYS C 69 -15.39 1.38 3.65
N THR C 70 -14.98 2.61 3.97
CA THR C 70 -13.60 2.88 4.35
C THR C 70 -13.53 3.24 5.82
N ASN C 75 -5.54 6.71 9.78
CA ASN C 75 -5.88 7.09 8.41
C ASN C 75 -6.82 8.31 8.33
N GLU C 76 -6.64 9.23 9.26
CA GLU C 76 -7.48 10.44 9.36
C GLU C 76 -7.54 11.20 8.05
N LYS C 77 -6.39 11.43 7.43
CA LYS C 77 -6.29 12.27 6.24
C LYS C 77 -6.97 11.67 5.01
N LYS C 78 -7.14 10.35 4.99
CA LYS C 78 -7.87 9.70 3.90
C LYS C 78 -9.38 9.92 4.04
N ILE C 79 -9.91 9.67 5.24
CA ILE C 79 -11.35 9.83 5.49
C ILE C 79 -11.76 11.31 5.47
N GLU C 80 -10.85 12.17 5.88
CA GLU C 80 -11.03 13.62 5.83
C GLU C 80 -11.20 14.13 4.38
N MET C 81 -10.40 13.59 3.46
CA MET C 81 -10.55 13.95 2.05
C MET C 81 -11.87 13.43 1.47
N VAL C 82 -12.21 12.19 1.80
CA VAL C 82 -13.46 11.63 1.31
C VAL C 82 -14.67 12.44 1.78
N ARG C 83 -14.68 12.79 3.06
CA ARG C 83 -15.79 13.58 3.60
C ARG C 83 -15.87 14.95 2.96
N ALA C 84 -14.73 15.61 2.84
CA ALA C 84 -14.69 16.94 2.26
C ALA C 84 -15.16 16.89 0.81
N TYR C 85 -14.83 15.83 0.10
CA TYR C 85 -15.20 15.72 -1.31
C TYR C 85 -16.71 15.51 -1.40
N ARG C 86 -17.23 14.71 -0.49
CA ARG C 86 -18.66 14.44 -0.43
C ARG C 86 -19.40 15.75 -0.17
N GLU C 87 -18.88 16.54 0.77
CA GLU C 87 -19.44 17.83 1.10
C GLU C 87 -19.40 18.80 -0.08
N LYS C 88 -18.30 18.78 -0.82
CA LYS C 88 -18.17 19.61 -2.00
C LYS C 88 -19.33 19.31 -2.95
N ILE C 89 -19.56 18.02 -3.19
CA ILE C 89 -20.63 17.57 -4.08
C ILE C 89 -22.00 17.97 -3.51
N GLU C 90 -22.13 17.89 -2.19
CA GLU C 90 -23.37 18.24 -1.51
C GLU C 90 -23.72 19.70 -1.70
N LYS C 91 -22.71 20.55 -1.52
CA LYS C 91 -22.90 21.98 -1.69
C LYS C 91 -23.32 22.32 -3.12
N GLU C 92 -22.79 21.62 -4.12
CA GLU C 92 -23.21 21.85 -5.51
C GLU C 92 -24.67 21.46 -5.69
N LEU C 93 -24.98 20.25 -5.25
CA LEU C 93 -26.34 19.73 -5.34
C LEU C 93 -27.34 20.68 -4.69
N GLU C 94 -26.99 21.21 -3.53
CA GLU C 94 -27.82 22.15 -2.81
C GLU C 94 -28.01 23.46 -3.60
N ALA C 95 -26.94 23.99 -4.20
CA ALA C 95 -27.05 25.20 -5.00
C ALA C 95 -27.97 25.02 -6.21
N VAL C 96 -27.87 23.87 -6.87
CA VAL C 96 -28.70 23.60 -8.05
C VAL C 96 -30.19 23.52 -7.66
N CYS C 97 -30.46 22.79 -6.59
CA CYS C 97 -31.82 22.63 -6.10
C CYS C 97 -32.40 23.97 -5.68
N GLN C 98 -31.59 24.78 -5.00
CA GLN C 98 -32.04 26.12 -4.61
C GLN C 98 -32.40 26.96 -5.83
N ASP C 99 -31.60 26.86 -6.88
CA ASP C 99 -31.88 27.57 -8.12
C ASP C 99 -33.22 27.19 -8.73
N VAL C 100 -33.44 25.89 -8.89
CA VAL C 100 -34.71 25.38 -9.44
C VAL C 100 -35.91 25.78 -8.57
N LEU C 101 -35.77 25.59 -7.26
CA LEU C 101 -36.86 25.84 -6.34
C LEU C 101 -37.22 27.32 -6.32
N SER C 102 -36.20 28.17 -6.45
CA SER C 102 -36.43 29.60 -6.57
C SER C 102 -37.14 29.98 -7.89
N LEU C 103 -36.82 29.29 -8.99
CA LEU C 103 -37.51 29.51 -10.27
C LEU C 103 -38.97 29.10 -10.16
N LEU C 104 -39.22 27.96 -9.54
CA LEU C 104 -40.56 27.44 -9.38
C LEU C 104 -41.40 28.37 -8.51
N ASP C 105 -40.86 28.79 -7.38
CA ASP C 105 -41.62 29.63 -6.47
C ASP C 105 -41.83 31.04 -7.00
N ASN C 106 -40.80 31.62 -7.62
CA ASN C 106 -40.85 33.01 -8.02
C ASN C 106 -41.40 33.28 -9.41
N TYR C 107 -41.49 32.26 -10.26
CA TYR C 107 -42.01 32.46 -11.59
C TYR C 107 -43.01 31.40 -12.00
N LEU C 108 -42.58 30.14 -11.98
CA LEU C 108 -43.29 29.10 -12.70
C LEU C 108 -44.64 28.75 -12.07
N ILE C 109 -44.64 28.42 -10.78
CA ILE C 109 -45.90 28.12 -10.07
C ILE C 109 -46.75 29.38 -10.00
N LYS C 110 -46.10 30.48 -9.65
CA LYS C 110 -46.71 31.78 -9.48
C LYS C 110 -47.61 32.19 -10.65
N ASN C 111 -47.16 31.96 -11.88
CA ASN C 111 -47.88 32.45 -13.06
C ASN C 111 -48.90 31.46 -13.64
N CYS C 112 -49.07 30.32 -12.99
CA CYS C 112 -50.15 29.39 -13.36
C CYS C 112 -51.49 29.98 -12.95
N SER C 113 -52.42 30.14 -13.90
CA SER C 113 -53.78 30.56 -13.57
C SER C 113 -54.60 29.42 -12.96
N GLU C 114 -55.76 29.77 -12.42
CA GLU C 114 -56.61 28.82 -11.70
C GLU C 114 -56.83 27.48 -12.40
N THR C 115 -57.02 27.51 -13.71
CA THR C 115 -57.36 26.26 -14.41
C THR C 115 -56.23 25.72 -15.27
N GLN C 116 -55.01 26.21 -15.07
CA GLN C 116 -53.83 25.58 -15.65
C GLN C 116 -53.37 24.42 -14.76
N TYR C 117 -54.20 23.37 -14.72
CA TYR C 117 -54.00 22.27 -13.80
C TYR C 117 -52.74 21.49 -14.14
N GLU C 118 -52.54 21.19 -15.42
CA GLU C 118 -51.38 20.38 -15.82
C GLU C 118 -50.07 21.06 -15.45
N SER C 119 -49.96 22.36 -15.74
CA SER C 119 -48.73 23.08 -15.39
C SER C 119 -48.54 23.15 -13.87
N LYS C 120 -49.61 23.41 -13.14
CA LYS C 120 -49.55 23.40 -11.68
C LYS C 120 -49.03 22.06 -11.18
N VAL C 121 -49.59 20.98 -11.69
CA VAL C 121 -49.17 19.66 -11.24
C VAL C 121 -47.73 19.39 -11.68
N PHE C 122 -47.41 19.78 -12.91
CA PHE C 122 -46.03 19.63 -13.38
C PHE C 122 -45.04 20.32 -12.45
N TYR C 123 -45.31 21.59 -12.13
CA TYR C 123 -44.35 22.40 -11.40
C TYR C 123 -44.32 22.03 -9.91
N LEU C 124 -45.49 21.73 -9.32
CA LEU C 124 -45.51 21.32 -7.91
C LEU C 124 -44.79 20.00 -7.72
N LYS C 125 -44.99 19.08 -8.66
CA LYS C 125 -44.23 17.83 -8.69
C LYS C 125 -42.74 18.13 -8.70
N MET C 126 -42.33 19.05 -9.56
CA MET C 126 -40.92 19.39 -9.73
C MET C 126 -40.40 19.96 -8.43
N LYS C 127 -41.21 20.81 -7.81
CA LYS C 127 -40.88 21.35 -6.50
C LYS C 127 -40.72 20.20 -5.49
N GLY C 128 -41.66 19.26 -5.51
CA GLY C 128 -41.53 18.06 -4.68
C GLY C 128 -40.22 17.31 -4.92
N ASP C 129 -39.87 17.12 -6.19
CA ASP C 129 -38.64 16.42 -6.59
C ASP C 129 -37.37 17.07 -6.05
N TYR C 130 -37.20 18.37 -6.23
CA TYR C 130 -35.91 18.98 -5.87
C TYR C 130 -35.79 19.17 -4.35
N TYR C 131 -36.91 19.27 -3.65
CA TYR C 131 -36.84 19.18 -2.19
C TYR C 131 -36.49 17.76 -1.77
N ARG C 132 -36.95 16.77 -2.54
CA ARG C 132 -36.62 15.38 -2.25
C ARG C 132 -35.12 15.13 -2.44
N TYR C 133 -34.54 15.70 -3.50
CA TYR C 133 -33.11 15.55 -3.74
C TYR C 133 -32.32 16.20 -2.60
N LEU C 134 -32.77 17.35 -2.11
CA LEU C 134 -32.14 17.93 -0.92
C LEU C 134 -32.23 16.98 0.28
N ALA C 135 -33.39 16.36 0.44
CA ALA C 135 -33.66 15.48 1.58
C ALA C 135 -32.75 14.26 1.54
N GLU C 136 -32.31 13.90 0.33
CA GLU C 136 -31.47 12.73 0.16
C GLU C 136 -30.10 12.87 0.85
N VAL C 137 -29.62 14.11 0.97
CA VAL C 137 -28.28 14.34 1.51
C VAL C 137 -28.30 15.14 2.81
N ALA C 138 -29.46 15.65 3.18
CA ALA C 138 -29.62 16.46 4.38
C ALA C 138 -29.65 15.61 5.64
N THR C 139 -29.27 16.21 6.76
CA THR C 139 -29.35 15.58 8.08
C THR C 139 -29.95 16.57 9.08
N GLY C 140 -30.44 16.07 10.21
CA GLY C 140 -30.90 16.95 11.28
C GLY C 140 -32.13 17.79 10.99
N GLU C 141 -32.12 19.01 11.50
CA GLU C 141 -33.27 19.91 11.36
C GLU C 141 -33.40 20.46 9.94
N LYS C 142 -32.29 20.56 9.21
CA LYS C 142 -32.37 20.98 7.82
C LYS C 142 -33.10 19.87 7.05
N ARG C 143 -32.86 18.63 7.45
CA ARG C 143 -33.54 17.54 6.76
C ARG C 143 -35.05 17.55 7.00
N ALA C 144 -35.46 17.79 8.24
CA ALA C 144 -36.88 17.85 8.55
C ALA C 144 -37.57 18.88 7.67
N THR C 145 -36.94 20.03 7.49
CA THR C 145 -37.53 21.11 6.72
C THR C 145 -37.73 20.77 5.24
N VAL C 146 -36.71 20.20 4.60
CA VAL C 146 -36.82 19.89 3.17
C VAL C 146 -37.73 18.66 2.95
N VAL C 147 -37.75 17.75 3.91
CA VAL C 147 -38.69 16.63 3.83
C VAL C 147 -40.12 17.16 3.90
N GLU C 148 -40.38 18.05 4.84
CA GLU C 148 -41.71 18.62 5.01
C GLU C 148 -42.12 19.41 3.77
N SER C 149 -41.22 20.24 3.25
CA SER C 149 -41.48 20.99 2.02
C SER C 149 -41.74 20.07 0.82
N SER C 150 -40.96 19.00 0.70
CA SER C 150 -41.18 18.06 -0.40
C SER C 150 -42.60 17.48 -0.34
N GLU C 151 -42.98 16.95 0.81
CA GLU C 151 -44.28 16.31 0.98
C GLU C 151 -45.43 17.25 0.69
N LYS C 152 -45.30 18.51 1.11
CA LYS C 152 -46.34 19.51 0.89
C LYS C 152 -46.54 19.80 -0.59
N ALA C 153 -45.44 19.90 -1.33
CA ALA C 153 -45.56 20.14 -2.78
C ALA C 153 -46.22 18.93 -3.48
N TYR C 154 -45.74 17.74 -3.15
CA TYR C 154 -46.32 16.52 -3.68
C TYR C 154 -47.82 16.41 -3.36
N SER C 155 -48.17 16.74 -2.11
CA SER C 155 -49.54 16.60 -1.62
C SER C 155 -50.50 17.51 -2.40
N GLU C 156 -50.10 18.76 -2.56
CA GLU C 156 -50.93 19.72 -3.28
C GLU C 156 -51.05 19.35 -4.77
N ALA C 157 -49.97 18.87 -5.38
CA ALA C 157 -50.03 18.43 -6.77
C ALA C 157 -50.93 17.20 -6.89
N HIS C 158 -50.84 16.31 -5.92
CA HIS C 158 -51.66 15.10 -5.90
C HIS C 158 -53.15 15.43 -5.86
N GLU C 159 -53.54 16.34 -4.98
CA GLU C 159 -54.95 16.70 -4.88
C GLU C 159 -55.48 17.37 -6.16
N ILE C 160 -54.69 18.24 -6.76
CA ILE C 160 -55.07 18.84 -8.05
C ILE C 160 -55.24 17.78 -9.13
N SER C 161 -54.26 16.87 -9.21
CA SER C 161 -54.27 15.83 -10.23
C SER C 161 -55.47 14.88 -10.05
N LYS C 162 -55.82 14.58 -8.80
CA LYS C 162 -56.94 13.68 -8.59
C LYS C 162 -58.28 14.34 -8.94
N GLU C 163 -58.37 15.65 -8.72
CA GLU C 163 -59.63 16.33 -8.97
C GLU C 163 -59.78 16.80 -10.42
N HIS C 164 -58.67 17.13 -11.08
CA HIS C 164 -58.78 17.81 -12.36
C HIS C 164 -58.04 17.17 -13.53
N MET C 165 -57.45 15.99 -13.32
CA MET C 165 -56.76 15.29 -14.40
C MET C 165 -57.22 13.83 -14.47
N GLN C 166 -57.17 13.24 -15.67
CA GLN C 166 -57.51 11.84 -15.84
C GLN C 166 -56.42 10.98 -15.20
N PRO C 167 -56.81 9.83 -14.63
CA PRO C 167 -55.82 8.98 -13.95
C PRO C 167 -54.78 8.40 -14.92
N THR C 168 -55.05 8.46 -16.22
CA THR C 168 -54.14 7.97 -17.26
C THR C 168 -53.07 8.99 -17.68
N HIS C 169 -53.24 10.25 -17.27
CA HIS C 169 -52.39 11.32 -17.77
C HIS C 169 -50.97 11.12 -17.24
N PRO C 170 -49.97 11.17 -18.15
CA PRO C 170 -48.57 10.89 -17.81
C PRO C 170 -48.09 11.77 -16.66
N ILE C 171 -48.52 13.02 -16.65
CA ILE C 171 -48.09 13.94 -15.60
C ILE C 171 -48.65 13.53 -14.26
N ARG C 172 -49.92 13.14 -14.21
CA ARG C 172 -50.49 12.62 -12.96
C ARG C 172 -49.81 11.31 -12.55
N LEU C 173 -49.59 10.41 -13.52
CA LEU C 173 -48.93 9.15 -13.20
C LEU C 173 -47.49 9.37 -12.72
N GLY C 174 -46.80 10.32 -13.35
CA GLY C 174 -45.41 10.59 -12.99
C GLY C 174 -45.31 11.19 -11.60
N LEU C 175 -46.34 11.95 -11.22
CA LEU C 175 -46.43 12.49 -9.86
C LEU C 175 -46.58 11.36 -8.86
N ALA C 176 -47.51 10.45 -9.13
CA ALA C 176 -47.77 9.33 -8.23
C ALA C 176 -46.52 8.46 -8.08
N LEU C 177 -45.78 8.30 -9.17
CA LEU C 177 -44.54 7.57 -9.14
C LEU C 177 -43.53 8.21 -8.19
N ASN C 178 -43.31 9.50 -8.35
CA ASN C 178 -42.27 10.17 -7.56
C ASN C 178 -42.67 10.36 -6.10
N TYR C 179 -43.94 10.65 -5.87
CA TYR C 179 -44.53 10.74 -4.54
C TYR C 179 -44.39 9.40 -3.79
N SER C 180 -44.66 8.30 -4.49
CA SER C 180 -44.53 6.99 -3.86
C SER C 180 -43.05 6.72 -3.55
N VAL C 181 -42.16 7.21 -4.40
CA VAL C 181 -40.73 7.04 -4.15
C VAL C 181 -40.31 7.83 -2.92
N PHE C 182 -40.84 9.04 -2.80
CA PHE C 182 -40.67 9.86 -1.60
C PHE C 182 -41.03 9.08 -0.33
N TYR C 183 -42.22 8.48 -0.31
CA TYR C 183 -42.65 7.68 0.84
C TYR C 183 -41.69 6.53 1.13
N TYR C 184 -41.30 5.81 0.10
CA TYR C 184 -40.45 4.64 0.31
C TYR C 184 -39.05 5.04 0.78
N GLU C 185 -38.40 5.91 0.00
CA GLU C 185 -36.99 6.20 0.20
C GLU C 185 -36.74 7.24 1.28
N ILE C 186 -37.57 8.27 1.32
CA ILE C 186 -37.33 9.39 2.25
C ILE C 186 -38.05 9.20 3.59
N GLN C 187 -39.30 8.77 3.55
CA GLN C 187 -40.09 8.65 4.79
C GLN C 187 -40.02 7.25 5.37
N ASN C 188 -39.40 6.34 4.63
CA ASN C 188 -39.35 4.92 4.99
C ASN C 188 -40.72 4.39 5.39
N ALA C 189 -41.69 4.61 4.51
CA ALA C 189 -43.07 4.21 4.74
C ALA C 189 -43.52 3.32 3.60
N PRO C 190 -43.08 2.06 3.60
CA PRO C 190 -43.29 1.14 2.48
C PRO C 190 -44.75 0.81 2.20
N GLU C 191 -45.61 0.82 3.21
CA GLU C 191 -47.01 0.52 2.98
C GLU C 191 -47.69 1.70 2.30
N GLN C 192 -47.36 2.91 2.75
CA GLN C 192 -47.85 4.13 2.11
C GLN C 192 -47.40 4.20 0.66
N ALA C 193 -46.11 3.91 0.46
CA ALA C 193 -45.50 3.92 -0.86
C ALA C 193 -46.19 2.96 -1.81
N CYS C 194 -46.33 1.71 -1.37
CA CYS C 194 -46.98 0.70 -2.18
C CYS C 194 -48.45 1.04 -2.42
N HIS C 195 -49.10 1.63 -1.42
CA HIS C 195 -50.53 1.91 -1.59
C HIS C 195 -50.74 2.97 -2.67
N LEU C 196 -49.95 4.03 -2.63
CA LEU C 196 -50.04 5.08 -3.64
C LEU C 196 -49.72 4.54 -5.04
N ALA C 197 -48.62 3.78 -5.13
CA ALA C 197 -48.19 3.23 -6.41
C ALA C 197 -49.22 2.28 -7.01
N LYS C 198 -49.72 1.34 -6.19
CA LYS C 198 -50.70 0.37 -6.66
C LYS C 198 -52.00 1.05 -7.13
N THR C 199 -52.56 1.92 -6.30
CA THR C 199 -53.84 2.55 -6.65
CA THR C 199 -53.84 2.57 -6.64
C THR C 199 -53.71 3.40 -7.91
N ALA C 200 -52.59 4.12 -8.06
CA ALA C 200 -52.34 4.92 -9.26
C ALA C 200 -52.31 4.03 -10.49
N PHE C 201 -51.55 2.94 -10.39
CA PHE C 201 -51.48 1.94 -11.43
C PHE C 201 -52.87 1.42 -11.76
N ASP C 202 -53.59 0.98 -10.73
CA ASP C 202 -54.91 0.39 -10.90
C ASP C 202 -55.91 1.35 -11.52
N ASP C 203 -55.83 2.63 -11.15
CA ASP C 203 -56.80 3.61 -11.66
C ASP C 203 -56.59 3.92 -13.14
N ALA C 204 -55.38 3.65 -13.63
CA ALA C 204 -55.03 4.02 -15.01
C ALA C 204 -55.13 2.85 -15.97
N ILE C 205 -54.87 1.63 -15.49
CA ILE C 205 -54.58 0.52 -16.39
C ILE C 205 -55.76 0.16 -17.31
N ALA C 206 -56.99 0.38 -16.84
CA ALA C 206 -58.16 0.06 -17.63
C ALA C 206 -58.33 0.98 -18.85
N GLU C 207 -57.97 2.25 -18.70
CA GLU C 207 -58.26 3.23 -19.74
C GLU C 207 -57.03 3.62 -20.55
N LEU C 208 -55.95 2.88 -20.39
CA LEU C 208 -54.69 3.19 -21.05
C LEU C 208 -54.87 3.39 -22.55
N ASP C 209 -55.64 2.50 -23.17
CA ASP C 209 -55.85 2.52 -24.62
C ASP C 209 -56.53 3.80 -25.10
N THR C 210 -57.23 4.50 -24.20
CA THR C 210 -57.92 5.74 -24.57
C THR C 210 -56.96 6.92 -24.75
N LEU C 211 -55.69 6.74 -24.41
CA LEU C 211 -54.69 7.81 -24.55
C LEU C 211 -54.28 8.01 -26.00
N ASN C 212 -53.83 9.21 -26.33
CA ASN C 212 -53.27 9.43 -27.66
C ASN C 212 -51.89 8.79 -27.74
N GLU C 213 -51.35 8.77 -28.95
CA GLU C 213 -50.13 8.03 -29.26
C GLU C 213 -48.94 8.41 -28.36
N ASP C 214 -48.67 9.70 -28.21
CA ASP C 214 -47.52 10.14 -27.45
C ASP C 214 -47.72 10.00 -25.93
N SER C 215 -48.95 10.26 -25.48
CA SER C 215 -49.28 10.10 -24.07
C SER C 215 -49.28 8.63 -23.68
N TYR C 216 -49.73 7.76 -24.59
CA TYR C 216 -49.72 6.32 -24.32
C TYR C 216 -48.29 5.82 -24.14
N LYS C 217 -47.39 6.33 -24.96
CA LYS C 217 -45.98 5.98 -24.82
C LYS C 217 -45.45 6.40 -23.46
N ASP C 218 -45.66 7.67 -23.10
CA ASP C 218 -45.18 8.22 -21.85
C ASP C 218 -45.78 7.50 -20.64
N SER C 219 -47.10 7.30 -20.66
CA SER C 219 -47.77 6.71 -19.51
C SER C 219 -47.41 5.25 -19.32
N THR C 220 -47.24 4.52 -20.42
CA THR C 220 -46.84 3.12 -20.38
C THR C 220 -45.53 2.98 -19.63
N LEU C 221 -44.56 3.82 -20.00
CA LEU C 221 -43.27 3.77 -19.37
C LEU C 221 -43.43 3.98 -17.85
N ILE C 222 -44.18 5.00 -17.48
CA ILE C 222 -44.33 5.32 -16.06
C ILE C 222 -45.01 4.16 -15.32
N MET C 223 -46.00 3.55 -15.94
CA MET C 223 -46.71 2.40 -15.38
C MET C 223 -45.74 1.23 -15.15
N GLN C 224 -44.87 1.00 -16.11
CA GLN C 224 -43.85 -0.03 -15.97
C GLN C 224 -42.97 0.26 -14.77
N LEU C 225 -42.62 1.53 -14.54
CA LEU C 225 -41.77 1.87 -13.40
C LEU C 225 -42.52 1.69 -12.08
N LEU C 226 -43.82 2.01 -12.09
CA LEU C 226 -44.66 1.77 -10.95
C LEU C 226 -44.67 0.27 -10.62
N ARG C 227 -44.85 -0.54 -11.64
CA ARG C 227 -44.86 -1.99 -11.46
C ARG C 227 -43.50 -2.46 -10.94
N ASP C 228 -42.42 -2.02 -11.59
CA ASP C 228 -41.07 -2.38 -11.17
C ASP C 228 -40.82 -2.01 -9.72
N ASN C 229 -41.27 -0.83 -9.30
CA ASN C 229 -41.09 -0.43 -7.91
C ASN C 229 -41.90 -1.30 -6.95
N LEU C 230 -43.12 -1.68 -7.34
CA LEU C 230 -43.97 -2.52 -6.50
C LEU C 230 -43.35 -3.90 -6.31
N THR C 231 -42.90 -4.50 -7.41
CA THR C 231 -42.19 -5.78 -7.36
C THR C 231 -40.98 -5.70 -6.43
N LEU C 232 -40.16 -4.68 -6.65
CA LEU C 232 -38.97 -4.47 -5.82
C LEU C 232 -39.32 -4.26 -4.35
N TRP C 233 -40.34 -3.44 -4.08
CA TRP C 233 -40.67 -3.06 -2.71
C TRP C 233 -41.36 -4.19 -1.94
N THR C 234 -42.10 -5.02 -2.66
CA THR C 234 -42.79 -6.15 -2.05
C THR C 234 -41.94 -7.43 -2.17
N SER C 235 -40.63 -7.29 -1.96
CA SER C 235 -39.76 -8.44 -1.93
C SER C 235 -38.51 -8.13 -1.13
N VAL D 4 -29.33 -1.74 -6.40
CA VAL D 4 -30.78 -1.71 -6.33
C VAL D 4 -31.31 -0.41 -5.73
N THR D 5 -32.23 0.23 -6.43
CA THR D 5 -32.96 1.36 -5.86
C THR D 5 -34.22 1.64 -6.65
N SER D 6 -35.09 2.46 -6.07
CA SER D 6 -36.39 2.78 -6.68
C SER D 6 -36.23 3.61 -7.94
N SER D 7 -37.04 3.31 -8.95
CA SER D 7 -37.05 4.09 -10.18
C SER D 7 -38.02 5.27 -10.04
N SEP D 8 -37.61 6.43 -10.55
CA SEP D 8 -38.44 7.64 -10.50
CB SEP D 8 -37.74 8.76 -9.72
OG SEP D 8 -36.48 9.08 -10.29
C SEP D 8 -38.76 8.08 -11.92
O SEP D 8 -38.33 7.46 -12.90
P SEP D 8 -35.72 10.26 -9.51
O1P SEP D 8 -34.38 10.64 -10.31
O2P SEP D 8 -36.69 11.56 -9.43
O3P SEP D 8 -35.38 9.75 -8.03
N CYS D 9 -39.52 9.16 -12.04
CA CYS D 9 -40.10 9.55 -13.31
C CYS D 9 -39.05 10.11 -14.27
N PRO D 10 -39.17 9.82 -15.57
CA PRO D 10 -38.36 10.50 -16.60
C PRO D 10 -38.61 12.00 -16.61
N ALA D 11 -37.58 12.77 -16.94
CA ALA D 11 -37.66 14.24 -16.89
C ALA D 11 -38.47 14.85 -18.04
N ASP D 12 -38.70 14.08 -19.09
CA ASP D 12 -39.29 14.63 -20.31
C ASP D 12 -40.65 14.03 -20.65
N LEU D 13 -41.36 14.69 -21.56
CA LEU D 13 -42.62 14.20 -22.10
C LEU D 13 -42.48 14.14 -23.61
N THR D 14 -43.46 13.53 -24.28
CA THR D 14 -43.43 13.40 -25.73
C THR D 14 -44.42 14.35 -26.40
N ASP E 3 42.47 0.20 5.71
CA ASP E 3 41.62 1.07 6.52
C ASP E 3 40.13 0.90 6.17
N ARG E 4 39.74 1.28 4.95
CA ARG E 4 38.43 0.88 4.41
C ARG E 4 38.36 -0.64 4.31
N GLU E 5 39.43 -1.26 3.83
CA GLU E 5 39.47 -2.71 3.69
C GLU E 5 39.45 -3.40 5.06
N GLN E 6 40.04 -2.76 6.07
CA GLN E 6 39.98 -3.33 7.42
C GLN E 6 38.55 -3.36 7.94
N LEU E 7 37.77 -2.32 7.63
CA LEU E 7 36.37 -2.27 8.03
C LEU E 7 35.56 -3.37 7.36
N VAL E 8 35.76 -3.52 6.05
CA VAL E 8 35.12 -4.62 5.33
C VAL E 8 35.52 -6.00 5.90
N GLN E 9 36.81 -6.20 6.16
CA GLN E 9 37.25 -7.43 6.84
C GLN E 9 36.53 -7.63 8.18
N LYS E 10 36.45 -6.57 8.97
CA LYS E 10 35.74 -6.62 10.26
C LYS E 10 34.27 -7.02 10.05
N ALA E 11 33.65 -6.49 9.01
CA ALA E 11 32.28 -6.89 8.70
C ALA E 11 32.20 -8.38 8.40
N ARG E 12 33.15 -8.91 7.63
CA ARG E 12 33.12 -10.35 7.34
C ARG E 12 33.35 -11.16 8.63
N LEU E 13 34.21 -10.63 9.50
CA LEU E 13 34.51 -11.30 10.76
C LEU E 13 33.27 -11.31 11.62
N ALA E 14 32.65 -10.14 11.72
CA ALA E 14 31.45 -10.00 12.51
C ALA E 14 30.37 -10.98 12.04
N GLU E 15 30.25 -11.15 10.73
CA GLU E 15 29.26 -12.06 10.19
C GLU E 15 29.50 -13.50 10.63
N GLN E 16 30.76 -13.93 10.55
CA GLN E 16 31.14 -15.29 10.93
CA GLN E 16 31.13 -15.30 10.93
C GLN E 16 30.92 -15.53 12.43
N ALA E 17 31.19 -14.50 13.23
CA ALA E 17 30.92 -14.50 14.68
C ALA E 17 29.44 -14.24 15.02
N GLU E 18 28.59 -14.08 14.00
CA GLU E 18 27.17 -13.79 14.20
C GLU E 18 26.97 -12.58 15.11
N ARG E 19 27.79 -11.56 14.90
CA ARG E 19 27.64 -10.28 15.61
C ARG E 19 27.16 -9.24 14.60
N TYR E 20 25.84 -9.26 14.35
CA TYR E 20 25.30 -8.49 13.25
C TYR E 20 25.20 -6.98 13.51
N ASP E 21 25.12 -6.58 14.77
CA ASP E 21 25.21 -5.15 15.10
C ASP E 21 26.59 -4.61 14.67
N ASP E 22 27.64 -5.34 15.01
CA ASP E 22 29.00 -5.02 14.59
C ASP E 22 29.13 -4.97 13.08
N MET E 23 28.56 -5.99 12.44
CA MET E 23 28.62 -6.12 11.00
C MET E 23 27.99 -4.90 10.30
N ALA E 24 26.84 -4.46 10.79
CA ALA E 24 26.14 -3.33 10.18
C ALA E 24 26.90 -2.04 10.43
N ALA E 25 27.39 -1.88 11.66
CA ALA E 25 28.14 -0.68 12.03
C ALA E 25 29.37 -0.54 11.14
N ALA E 26 30.00 -1.66 10.82
CA ALA E 26 31.18 -1.61 9.98
C ALA E 26 30.81 -1.24 8.53
N MET E 27 29.74 -1.84 8.00
CA MET E 27 29.38 -1.56 6.61
C MET E 27 28.76 -0.16 6.49
N LYS E 28 28.17 0.31 7.59
CA LYS E 28 27.76 1.71 7.69
C LYS E 28 28.95 2.65 7.55
N ASN E 29 30.05 2.37 8.28
CA ASN E 29 31.26 3.17 8.14
C ASN E 29 31.85 3.10 6.73
N VAL E 30 31.88 1.90 6.17
CA VAL E 30 32.37 1.71 4.81
C VAL E 30 31.58 2.57 3.81
N THR E 31 30.25 2.53 3.92
CA THR E 31 29.38 3.30 3.02
C THR E 31 29.64 4.81 3.13
N GLU E 32 29.85 5.29 4.35
CA GLU E 32 30.02 6.72 4.59
C GLU E 32 31.36 7.28 4.04
N LEU E 33 32.26 6.39 3.64
CA LEU E 33 33.49 6.81 2.99
C LEU E 33 33.22 7.29 1.56
N ASN E 34 31.99 7.09 1.10
CA ASN E 34 31.50 7.65 -0.16
C ASN E 34 32.15 7.02 -1.40
N GLU E 35 32.79 5.86 -1.25
CA GLU E 35 33.12 5.04 -2.41
C GLU E 35 31.99 4.05 -2.63
N PRO E 36 31.70 3.72 -3.90
CA PRO E 36 30.60 2.80 -4.20
C PRO E 36 30.89 1.41 -3.67
N LEU E 37 29.86 0.64 -3.36
CA LEU E 37 30.06 -0.70 -2.84
C LEU E 37 30.19 -1.69 -3.99
N SER E 38 31.06 -2.67 -3.83
CA SER E 38 31.07 -3.81 -4.77
C SER E 38 29.84 -4.67 -4.48
N ASN E 39 29.54 -5.60 -5.39
CA ASN E 39 28.41 -6.48 -5.20
C ASN E 39 28.56 -7.26 -3.88
N GLU E 40 29.78 -7.66 -3.54
CA GLU E 40 30.00 -8.38 -2.30
C GLU E 40 29.79 -7.48 -1.07
N GLU E 41 30.29 -6.25 -1.14
CA GLU E 41 30.11 -5.29 -0.06
C GLU E 41 28.64 -4.94 0.13
N ARG E 42 27.94 -4.86 -0.99
CA ARG E 42 26.50 -4.64 -1.01
C ARG E 42 25.75 -5.78 -0.35
N ASN E 43 26.19 -7.00 -0.61
CA ASN E 43 25.64 -8.17 0.07
C ASN E 43 25.86 -8.09 1.59
N LEU E 44 27.05 -7.65 1.99
CA LEU E 44 27.38 -7.57 3.42
C LEU E 44 26.51 -6.54 4.14
N LEU E 45 26.38 -5.36 3.55
CA LEU E 45 25.46 -4.34 4.06
C LEU E 45 24.05 -4.87 4.22
N SER E 46 23.56 -5.53 3.17
CA SER E 46 22.17 -5.97 3.14
C SER E 46 21.92 -7.10 4.15
N VAL E 47 22.82 -8.07 4.22
CA VAL E 47 22.71 -9.14 5.22
C VAL E 47 22.79 -8.60 6.64
N ALA E 48 23.74 -7.69 6.88
CA ALA E 48 23.93 -7.13 8.20
C ALA E 48 22.65 -6.47 8.69
N TYR E 49 22.14 -5.53 7.92
CA TYR E 49 20.97 -4.79 8.39
C TYR E 49 19.73 -5.65 8.44
N LYS E 50 19.63 -6.63 7.55
CA LYS E 50 18.48 -7.53 7.57
C LYS E 50 18.43 -8.32 8.89
N ASN E 51 19.60 -8.75 9.36
CA ASN E 51 19.63 -9.45 10.65
C ASN E 51 19.37 -8.51 11.82
N VAL E 52 19.91 -7.30 11.74
CA VAL E 52 19.73 -6.36 12.83
C VAL E 52 18.25 -5.96 12.94
N VAL E 53 17.63 -5.57 11.83
CA VAL E 53 16.24 -5.16 11.90
C VAL E 53 15.36 -6.38 12.13
N GLY E 54 15.78 -7.54 11.59
CA GLY E 54 14.98 -8.75 11.67
C GLY E 54 14.83 -9.24 13.10
N ALA E 55 15.90 -9.12 13.88
CA ALA E 55 15.85 -9.48 15.30
C ALA E 55 14.78 -8.65 15.99
N ARG E 56 14.71 -7.37 15.64
CA ARG E 56 13.75 -6.48 16.26
C ARG E 56 12.33 -6.74 15.77
N ARG E 57 12.15 -7.09 14.50
CA ARG E 57 10.83 -7.45 13.99
C ARG E 57 10.32 -8.71 14.69
N SER E 58 11.20 -9.70 14.83
CA SER E 58 10.83 -10.93 15.52
C SER E 58 10.42 -10.63 16.96
N SER E 59 11.20 -9.81 17.66
CA SER E 59 10.93 -9.46 19.05
C SER E 59 9.62 -8.69 19.20
N TRP E 60 9.41 -7.76 18.28
CA TRP E 60 8.24 -6.89 18.31
C TRP E 60 6.97 -7.70 18.12
N ARG E 61 7.04 -8.69 17.24
CA ARG E 61 5.90 -9.58 17.02
C ARG E 61 5.58 -10.39 18.29
N VAL E 62 6.61 -10.89 18.96
CA VAL E 62 6.40 -11.62 20.21
C VAL E 62 5.71 -10.75 21.25
N ILE E 63 6.29 -9.59 21.52
CA ILE E 63 5.76 -8.72 22.55
C ILE E 63 4.35 -8.24 22.18
N SER E 64 4.14 -7.87 20.93
CA SER E 64 2.82 -7.44 20.47
C SER E 64 1.78 -8.54 20.69
N SER E 65 2.13 -9.77 20.36
CA SER E 65 1.23 -10.90 20.53
C SER E 65 0.87 -11.13 22.00
N ILE E 66 1.87 -11.06 22.87
CA ILE E 66 1.63 -11.15 24.30
C ILE E 66 0.67 -10.05 24.74
N GLU E 67 0.93 -8.84 24.27
CA GLU E 67 0.14 -7.68 24.66
C GLU E 67 -1.33 -7.86 24.31
N GLN E 68 -1.58 -8.47 23.16
CA GLN E 68 -2.92 -8.72 22.67
C GLN E 68 -3.60 -9.90 23.36
N LYS E 69 -2.80 -10.76 23.99
CA LYS E 69 -3.34 -11.92 24.68
C LYS E 69 -3.44 -11.73 26.18
N THR E 70 -3.21 -10.49 26.65
CA THR E 70 -3.23 -10.26 28.09
C THR E 70 -4.48 -9.49 28.54
N SER E 71 -5.24 -10.13 29.43
CA SER E 71 -6.50 -9.59 29.93
C SER E 71 -6.30 -8.30 30.73
N ALA E 72 -7.22 -7.37 30.54
CA ALA E 72 -7.11 -6.01 31.09
C ALA E 72 -6.92 -5.76 32.58
N ASP E 73 -7.96 -6.06 33.35
CA ASP E 73 -8.01 -5.68 34.75
C ASP E 73 -7.59 -6.91 35.55
N GLY E 74 -6.93 -6.67 36.67
CA GLY E 74 -6.24 -7.69 37.41
C GLY E 74 -4.81 -7.75 36.91
N ASN E 75 -4.53 -6.91 35.92
CA ASN E 75 -3.23 -6.86 35.28
C ASN E 75 -2.86 -5.43 34.92
N GLU E 76 -2.98 -4.53 35.88
CA GLU E 76 -2.79 -3.10 35.63
C GLU E 76 -1.42 -2.80 35.07
N LYS E 77 -0.44 -2.95 35.95
CA LYS E 77 0.88 -2.42 35.72
C LYS E 77 1.71 -3.46 34.97
N LYS E 78 1.10 -4.61 34.70
CA LYS E 78 1.72 -5.61 33.83
C LYS E 78 1.52 -5.20 32.36
N ILE E 79 0.38 -4.61 32.05
CA ILE E 79 0.11 -4.19 30.67
C ILE E 79 0.94 -2.94 30.36
N GLU E 80 1.11 -2.08 31.34
CA GLU E 80 1.88 -0.85 31.11
C GLU E 80 3.36 -1.18 30.85
N MET E 81 3.88 -2.22 31.50
CA MET E 81 5.24 -2.64 31.24
C MET E 81 5.34 -3.34 29.88
N VAL E 82 4.33 -4.11 29.50
CA VAL E 82 4.38 -4.78 28.21
C VAL E 82 4.35 -3.75 27.07
N ARG E 83 3.47 -2.75 27.16
CA ARG E 83 3.43 -1.70 26.14
C ARG E 83 4.74 -0.92 26.09
N ALA E 84 5.27 -0.57 27.24
CA ALA E 84 6.51 0.20 27.29
C ALA E 84 7.69 -0.62 26.71
N TYR E 85 7.67 -1.93 26.90
CA TYR E 85 8.75 -2.75 26.38
C TYR E 85 8.62 -2.84 24.86
N ARG E 86 7.38 -2.98 24.38
CA ARG E 86 7.12 -2.98 22.95
C ARG E 86 7.57 -1.66 22.32
N GLU E 87 7.25 -0.56 22.99
CA GLU E 87 7.67 0.77 22.55
C GLU E 87 9.19 0.89 22.48
N LYS E 88 9.88 0.25 23.43
CA LYS E 88 11.34 0.25 23.44
C LYS E 88 11.90 -0.39 22.17
N ILE E 89 11.36 -1.56 21.83
CA ILE E 89 11.74 -2.32 20.64
C ILE E 89 11.39 -1.54 19.37
N GLU E 90 10.21 -0.94 19.36
CA GLU E 90 9.76 -0.13 18.23
C GLU E 90 10.74 0.97 17.91
N LYS E 91 11.15 1.68 18.96
CA LYS E 91 12.09 2.79 18.82
C LYS E 91 13.45 2.29 18.29
N GLU E 92 13.85 1.08 18.70
CA GLU E 92 15.10 0.51 18.19
C GLU E 92 14.97 0.25 16.69
N LEU E 93 13.85 -0.38 16.34
CA LEU E 93 13.55 -0.70 14.95
C LEU E 93 13.57 0.57 14.10
N GLU E 94 12.95 1.62 14.60
CA GLU E 94 12.87 2.89 13.88
C GLU E 94 14.29 3.49 13.72
N ALA E 95 15.12 3.38 14.75
CA ALA E 95 16.49 3.88 14.66
C ALA E 95 17.33 3.12 13.62
N VAL E 96 17.13 1.81 13.53
CA VAL E 96 17.87 1.00 12.56
C VAL E 96 17.42 1.35 11.15
N CYS E 97 16.11 1.43 10.96
CA CYS E 97 15.53 1.79 9.69
C CYS E 97 16.01 3.14 9.23
N GLN E 98 16.00 4.11 10.15
CA GLN E 98 16.47 5.46 9.84
C GLN E 98 17.92 5.44 9.36
N ASP E 99 18.76 4.67 10.04
CA ASP E 99 20.18 4.54 9.65
C ASP E 99 20.33 4.04 8.22
N VAL E 100 19.62 2.97 7.88
CA VAL E 100 19.64 2.41 6.54
C VAL E 100 19.14 3.44 5.51
N LEU E 101 18.01 4.07 5.81
CA LEU E 101 17.39 5.00 4.86
C LEU E 101 18.30 6.20 4.56
N SER E 102 19.04 6.66 5.57
CA SER E 102 19.98 7.75 5.37
C SER E 102 21.17 7.33 4.51
N LEU E 103 21.67 6.12 4.76
CA LEU E 103 22.73 5.58 3.91
C LEU E 103 22.29 5.52 2.45
N LEU E 104 21.09 4.99 2.21
CA LEU E 104 20.53 4.90 0.86
C LEU E 104 20.38 6.28 0.21
N ASP E 105 19.80 7.22 0.93
CA ASP E 105 19.58 8.56 0.39
C ASP E 105 20.84 9.41 0.30
N ASN E 106 21.75 9.28 1.26
CA ASN E 106 22.92 10.16 1.29
C ASN E 106 24.11 9.62 0.52
N TYR E 107 24.11 8.33 0.23
CA TYR E 107 25.26 7.74 -0.44
C TYR E 107 24.86 6.82 -1.58
N LEU E 108 24.09 5.78 -1.26
CA LEU E 108 24.00 4.60 -2.12
C LEU E 108 23.20 4.88 -3.38
N ILE E 109 21.97 5.33 -3.22
CA ILE E 109 21.16 5.68 -4.38
C ILE E 109 21.79 6.88 -5.07
N LYS E 110 22.23 7.84 -4.26
CA LYS E 110 22.77 9.10 -4.76
C LYS E 110 23.89 8.97 -5.79
N ASN E 111 24.81 8.03 -5.55
CA ASN E 111 25.99 7.90 -6.39
C ASN E 111 25.76 6.96 -7.56
N CYS E 112 24.55 6.44 -7.71
CA CYS E 112 24.23 5.66 -8.90
C CYS E 112 24.19 6.56 -10.14
N SER E 113 24.97 6.22 -11.16
CA SER E 113 24.93 6.96 -12.41
C SER E 113 23.73 6.53 -13.22
N GLU E 114 23.46 7.27 -14.28
CA GLU E 114 22.29 7.08 -15.14
C GLU E 114 22.04 5.61 -15.51
N THR E 115 23.08 4.87 -15.90
CA THR E 115 22.86 3.52 -16.40
C THR E 115 23.30 2.43 -15.43
N GLN E 116 23.48 2.77 -14.16
CA GLN E 116 23.64 1.72 -13.14
C GLN E 116 22.25 1.24 -12.66
N TYR E 117 21.55 0.58 -13.58
CA TYR E 117 20.17 0.14 -13.34
C TYR E 117 20.07 -0.87 -12.22
N GLU E 118 20.94 -1.87 -12.24
CA GLU E 118 20.90 -2.93 -11.25
C GLU E 118 21.08 -2.40 -9.84
N SER E 119 22.04 -1.49 -9.65
CA SER E 119 22.30 -0.95 -8.32
C SER E 119 21.13 -0.07 -7.89
N LYS E 120 20.60 0.70 -8.84
CA LYS E 120 19.44 1.53 -8.56
C LYS E 120 18.24 0.70 -8.09
N VAL E 121 17.94 -0.38 -8.80
CA VAL E 121 16.80 -1.22 -8.42
C VAL E 121 17.06 -1.87 -7.04
N PHE E 122 18.28 -2.33 -6.83
CA PHE E 122 18.64 -2.95 -5.56
C PHE E 122 18.43 -2.00 -4.38
N TYR E 123 18.95 -0.79 -4.51
CA TYR E 123 18.91 0.19 -3.44
C TYR E 123 17.50 0.77 -3.25
N LEU E 124 16.78 0.98 -4.34
CA LEU E 124 15.43 1.49 -4.19
C LEU E 124 14.54 0.42 -3.58
N LYS E 125 14.74 -0.84 -3.99
CA LYS E 125 14.05 -1.96 -3.33
C LYS E 125 14.32 -1.95 -1.84
N MET E 126 15.59 -1.75 -1.48
CA MET E 126 15.99 -1.75 -0.09
C MET E 126 15.30 -0.61 0.66
N LYS E 127 15.24 0.54 0.00
CA LYS E 127 14.50 1.69 0.54
C LYS E 127 13.03 1.32 0.81
N GLY E 128 12.39 0.64 -0.14
CA GLY E 128 11.02 0.20 0.03
C GLY E 128 10.88 -0.75 1.22
N ASP E 129 11.79 -1.72 1.29
CA ASP E 129 11.87 -2.66 2.39
C ASP E 129 11.87 -2.01 3.79
N TYR E 130 12.78 -1.08 4.04
CA TYR E 130 12.95 -0.56 5.39
C TYR E 130 11.86 0.44 5.74
N TYR E 131 11.30 1.12 4.75
CA TYR E 131 10.06 1.86 5.00
C TYR E 131 8.92 0.90 5.31
N ARG E 132 8.94 -0.26 4.67
CA ARG E 132 7.90 -1.26 4.91
C ARG E 132 8.00 -1.80 6.36
N TYR E 133 9.22 -1.98 6.85
CA TYR E 133 9.42 -2.47 8.22
C TYR E 133 8.94 -1.42 9.20
N LEU E 134 9.16 -0.15 8.86
CA LEU E 134 8.61 0.92 9.67
C LEU E 134 7.08 0.88 9.69
N ALA E 135 6.50 0.59 8.53
CA ALA E 135 5.05 0.56 8.38
C ALA E 135 4.43 -0.61 9.15
N GLU E 136 5.24 -1.62 9.45
CA GLU E 136 4.73 -2.78 10.16
C GLU E 136 4.35 -2.41 11.59
N VAL E 137 4.99 -1.39 12.14
CA VAL E 137 4.77 -1.02 13.55
C VAL E 137 4.16 0.37 13.70
N ALA E 138 4.18 1.16 12.64
CA ALA E 138 3.64 2.51 12.72
C ALA E 138 2.12 2.48 12.80
N THR E 139 1.55 3.53 13.39
CA THR E 139 0.10 3.69 13.44
C THR E 139 -0.29 5.11 13.05
N GLY E 140 -1.58 5.31 12.79
CA GLY E 140 -2.09 6.63 12.50
C GLY E 140 -1.51 7.30 11.28
N GLU E 141 -1.03 8.53 11.46
CA GLU E 141 -0.55 9.33 10.34
C GLU E 141 0.91 9.03 10.01
N LYS E 142 1.69 8.65 11.01
CA LYS E 142 3.06 8.25 10.74
C LYS E 142 3.03 7.00 9.86
N ARG E 143 2.04 6.15 10.08
CA ARG E 143 1.93 4.96 9.24
C ARG E 143 1.70 5.34 7.79
N ALA E 144 0.76 6.25 7.53
CA ALA E 144 0.44 6.69 6.18
C ALA E 144 1.70 7.16 5.46
N THR E 145 2.48 7.97 6.16
CA THR E 145 3.68 8.55 5.59
C THR E 145 4.70 7.50 5.17
N VAL E 146 4.98 6.52 6.04
CA VAL E 146 6.03 5.56 5.70
C VAL E 146 5.53 4.57 4.66
N VAL E 147 4.23 4.28 4.70
CA VAL E 147 3.59 3.46 3.67
C VAL E 147 3.74 4.13 2.28
N GLU E 148 3.58 5.44 2.24
CA GLU E 148 3.65 6.17 0.98
C GLU E 148 5.07 6.15 0.43
N SER E 149 6.04 6.34 1.32
CA SER E 149 7.45 6.29 0.93
C SER E 149 7.87 4.89 0.50
N SER E 150 7.37 3.88 1.19
CA SER E 150 7.67 2.51 0.80
C SER E 150 7.19 2.24 -0.62
N GLU E 151 5.93 2.57 -0.87
CA GLU E 151 5.32 2.31 -2.17
C GLU E 151 6.03 3.07 -3.28
N LYS E 152 6.42 4.31 -2.99
CA LYS E 152 7.14 5.11 -3.97
C LYS E 152 8.52 4.56 -4.29
N ALA E 153 9.22 4.02 -3.29
CA ALA E 153 10.54 3.43 -3.55
C ALA E 153 10.36 2.20 -4.42
N TYR E 154 9.43 1.34 -4.01
CA TYR E 154 9.12 0.13 -4.78
C TYR E 154 8.72 0.48 -6.22
N SER E 155 7.85 1.48 -6.36
CA SER E 155 7.29 1.83 -7.67
C SER E 155 8.39 2.27 -8.64
N GLU E 156 9.25 3.16 -8.17
CA GLU E 156 10.36 3.65 -8.96
C GLU E 156 11.31 2.51 -9.32
N ALA E 157 11.58 1.62 -8.37
CA ALA E 157 12.45 0.47 -8.65
C ALA E 157 11.83 -0.44 -9.67
N HIS E 158 10.52 -0.62 -9.55
CA HIS E 158 9.74 -1.46 -10.47
C HIS E 158 9.86 -0.96 -11.91
N GLU E 159 9.64 0.34 -12.11
CA GLU E 159 9.67 0.91 -13.45
C GLU E 159 11.04 0.77 -14.09
N ILE E 160 12.11 1.00 -13.32
CA ILE E 160 13.45 0.81 -13.84
C ILE E 160 13.70 -0.65 -14.22
N SER E 161 13.27 -1.56 -13.34
CA SER E 161 13.51 -2.98 -13.56
C SER E 161 12.76 -3.47 -14.80
N LYS E 162 11.55 -2.99 -14.99
CA LYS E 162 10.79 -3.40 -16.16
C LYS E 162 11.35 -2.82 -17.45
N GLU E 163 11.91 -1.63 -17.40
CA GLU E 163 12.41 -1.04 -18.63
C GLU E 163 13.84 -1.48 -18.94
N HIS E 164 14.62 -1.76 -17.89
CA HIS E 164 16.07 -1.93 -18.07
C HIS E 164 16.69 -3.24 -17.56
N MET E 165 15.85 -4.19 -17.13
CA MET E 165 16.35 -5.47 -16.63
C MET E 165 15.52 -6.60 -17.22
N GLN E 166 16.12 -7.77 -17.29
CA GLN E 166 15.43 -8.95 -17.80
C GLN E 166 14.52 -9.51 -16.73
N PRO E 167 13.36 -10.08 -17.14
CA PRO E 167 12.37 -10.65 -16.23
C PRO E 167 12.95 -11.75 -15.33
N THR E 168 14.09 -12.30 -15.70
CA THR E 168 14.67 -13.44 -15.00
C THR E 168 15.69 -13.03 -13.94
N HIS E 169 16.05 -11.74 -13.94
CA HIS E 169 17.10 -11.28 -13.05
C HIS E 169 16.62 -11.35 -11.59
N PRO E 170 17.42 -11.99 -10.72
CA PRO E 170 17.12 -12.18 -9.30
C PRO E 170 16.74 -10.87 -8.61
N ILE E 171 17.43 -9.79 -8.95
CA ILE E 171 17.14 -8.51 -8.31
C ILE E 171 15.74 -8.02 -8.70
N ARG E 172 15.37 -8.23 -9.97
CA ARG E 172 14.03 -7.85 -10.42
C ARG E 172 12.98 -8.77 -9.81
N LEU E 173 13.27 -10.07 -9.75
CA LEU E 173 12.29 -10.99 -9.18
C LEU E 173 12.14 -10.70 -7.68
N GLY E 174 13.24 -10.39 -7.01
CA GLY E 174 13.24 -10.12 -5.58
C GLY E 174 12.46 -8.86 -5.24
N LEU E 175 12.57 -7.86 -6.12
CA LEU E 175 11.76 -6.65 -5.99
C LEU E 175 10.27 -6.97 -6.10
N ALA E 176 9.88 -7.66 -7.16
CA ALA E 176 8.49 -8.06 -7.36
C ALA E 176 7.97 -8.87 -6.17
N LEU E 177 8.84 -9.71 -5.61
CA LEU E 177 8.46 -10.49 -4.43
C LEU E 177 8.08 -9.57 -3.27
N ASN E 178 8.97 -8.66 -2.89
CA ASN E 178 8.71 -7.80 -1.74
C ASN E 178 7.62 -6.75 -1.98
N TYR E 179 7.51 -6.33 -3.24
CA TYR E 179 6.51 -5.38 -3.66
C TYR E 179 5.13 -6.03 -3.51
N SER E 180 5.02 -7.29 -3.92
CA SER E 180 3.76 -8.03 -3.76
C SER E 180 3.46 -8.24 -2.28
N VAL E 181 4.50 -8.43 -1.47
CA VAL E 181 4.29 -8.61 -0.04
C VAL E 181 3.77 -7.31 0.57
N PHE E 182 4.35 -6.20 0.13
CA PHE E 182 3.87 -4.88 0.51
C PHE E 182 2.36 -4.71 0.20
N TYR E 183 1.94 -5.09 -0.99
CA TYR E 183 0.52 -4.97 -1.35
C TYR E 183 -0.36 -5.78 -0.41
N TYR E 184 0.02 -7.04 -0.17
CA TYR E 184 -0.79 -7.94 0.63
C TYR E 184 -0.81 -7.55 2.10
N GLU E 185 0.38 -7.35 2.65
CA GLU E 185 0.55 -7.24 4.09
C GLU E 185 0.36 -5.82 4.58
N ILE E 186 0.79 -4.85 3.80
CA ILE E 186 0.75 -3.46 4.25
C ILE E 186 -0.45 -2.68 3.67
N GLN E 187 -0.76 -2.91 2.39
CA GLN E 187 -1.87 -2.20 1.73
C GLN E 187 -3.18 -2.97 1.78
N ASN E 188 -3.12 -4.22 2.25
CA ASN E 188 -4.27 -5.10 2.25
CA ASN E 188 -4.27 -5.11 2.26
C ASN E 188 -4.96 -5.12 0.89
N ALA E 189 -4.16 -5.23 -0.16
CA ALA E 189 -4.63 -5.25 -1.52
C ALA E 189 -4.27 -6.61 -2.14
N PRO E 190 -5.00 -7.66 -1.76
CA PRO E 190 -4.60 -9.01 -2.15
C PRO E 190 -4.66 -9.26 -3.66
N GLU E 191 -5.54 -8.55 -4.37
CA GLU E 191 -5.66 -8.77 -5.80
C GLU E 191 -4.46 -8.17 -6.54
N GLN E 192 -4.02 -6.99 -6.13
CA GLN E 192 -2.80 -6.40 -6.69
C GLN E 192 -1.59 -7.28 -6.36
N ALA E 193 -1.54 -7.76 -5.12
CA ALA E 193 -0.45 -8.58 -4.64
C ALA E 193 -0.29 -9.83 -5.49
N CYS E 194 -1.41 -10.50 -5.69
CA CYS E 194 -1.42 -11.75 -6.45
C CYS E 194 -1.10 -11.50 -7.91
N HIS E 195 -1.63 -10.40 -8.46
CA HIS E 195 -1.38 -10.12 -9.86
C HIS E 195 0.11 -9.85 -10.11
N LEU E 196 0.70 -9.02 -9.27
CA LEU E 196 2.13 -8.72 -9.38
C LEU E 196 2.96 -9.98 -9.23
N ALA E 197 2.65 -10.77 -8.20
CA ALA E 197 3.41 -11.99 -7.94
C ALA E 197 3.31 -12.96 -9.11
N LYS E 198 2.10 -13.09 -9.67
CA LYS E 198 1.88 -14.08 -10.72
C LYS E 198 2.53 -13.69 -12.04
N THR E 199 2.38 -12.44 -12.42
CA THR E 199 2.93 -11.95 -13.69
C THR E 199 4.45 -11.99 -13.67
N ALA E 200 5.04 -11.62 -12.54
CA ALA E 200 6.49 -11.71 -12.36
C ALA E 200 6.97 -13.14 -12.54
N PHE E 201 6.29 -14.08 -11.89
CA PHE E 201 6.60 -15.51 -12.03
C PHE E 201 6.49 -15.95 -13.48
N ASP E 202 5.35 -15.64 -14.12
CA ASP E 202 5.10 -16.03 -15.50
C ASP E 202 6.13 -15.42 -16.47
N ASP E 203 6.48 -14.16 -16.24
CA ASP E 203 7.38 -13.45 -17.16
C ASP E 203 8.78 -14.06 -17.14
N ALA E 204 9.11 -14.76 -16.07
CA ALA E 204 10.45 -15.30 -15.89
C ALA E 204 10.62 -16.73 -16.42
N ILE E 205 9.52 -17.45 -16.55
CA ILE E 205 9.58 -18.88 -16.87
C ILE E 205 10.32 -19.19 -18.18
N ALA E 206 9.94 -18.53 -19.26
CA ALA E 206 10.50 -18.77 -20.58
C ALA E 206 12.02 -18.89 -20.57
N GLU E 207 12.67 -17.82 -20.16
CA GLU E 207 14.11 -17.69 -20.32
C GLU E 207 14.89 -18.09 -19.07
N LEU E 208 14.21 -18.74 -18.13
CA LEU E 208 14.81 -19.09 -16.85
C LEU E 208 16.08 -19.92 -17.03
N ASP E 209 16.07 -20.81 -18.01
CA ASP E 209 17.20 -21.70 -18.26
C ASP E 209 18.40 -20.99 -18.90
N THR E 210 18.21 -19.74 -19.32
CA THR E 210 19.30 -18.99 -19.93
C THR E 210 20.18 -18.30 -18.86
N LEU E 211 19.85 -18.51 -17.59
CA LEU E 211 20.56 -17.83 -16.51
C LEU E 211 21.91 -18.45 -16.17
N ASN E 212 22.79 -17.59 -15.67
CA ASN E 212 23.98 -17.99 -14.93
C ASN E 212 23.61 -19.01 -13.85
N GLU E 213 24.56 -19.85 -13.43
CA GLU E 213 24.28 -20.85 -12.41
C GLU E 213 23.95 -20.20 -11.06
N ASP E 214 24.59 -19.09 -10.75
CA ASP E 214 24.36 -18.42 -9.48
C ASP E 214 23.03 -17.69 -9.54
N SER E 215 22.76 -17.07 -10.69
CA SER E 215 21.50 -16.37 -10.89
C SER E 215 20.35 -17.36 -10.91
N TYR E 216 20.56 -18.50 -11.57
CA TYR E 216 19.52 -19.53 -11.64
C TYR E 216 19.15 -20.00 -10.24
N LYS E 217 20.16 -20.17 -9.39
CA LYS E 217 19.94 -20.56 -8.00
C LYS E 217 19.04 -19.53 -7.31
N ASP E 218 19.47 -18.27 -7.33
CA ASP E 218 18.76 -17.18 -6.66
C ASP E 218 17.36 -16.99 -7.21
N SER E 219 17.24 -16.94 -8.52
CA SER E 219 15.95 -16.73 -9.18
C SER E 219 14.94 -17.84 -8.93
N THR E 220 15.36 -19.10 -9.04
CA THR E 220 14.45 -20.23 -8.79
C THR E 220 13.93 -20.21 -7.36
N LEU E 221 14.78 -19.79 -6.43
CA LEU E 221 14.39 -19.68 -5.02
C LEU E 221 13.31 -18.62 -4.86
N ILE E 222 13.54 -17.46 -5.48
CA ILE E 222 12.60 -16.36 -5.38
C ILE E 222 11.29 -16.75 -6.03
N MET E 223 11.37 -17.46 -7.15
CA MET E 223 10.17 -17.93 -7.82
C MET E 223 9.36 -18.90 -6.96
N GLN E 224 10.03 -19.80 -6.26
CA GLN E 224 9.36 -20.71 -5.33
C GLN E 224 8.61 -19.93 -4.26
N LEU E 225 9.24 -18.85 -3.77
CA LEU E 225 8.65 -18.00 -2.76
C LEU E 225 7.45 -17.24 -3.32
N LEU E 226 7.55 -16.81 -4.58
CA LEU E 226 6.40 -16.22 -5.28
C LEU E 226 5.25 -17.20 -5.30
N ARG E 227 5.54 -18.45 -5.70
CA ARG E 227 4.56 -19.52 -5.74
C ARG E 227 3.99 -19.85 -4.35
N ASP E 228 4.86 -19.96 -3.36
CA ASP E 228 4.44 -20.24 -2.00
C ASP E 228 3.47 -19.16 -1.53
N ASN E 229 3.82 -17.90 -1.75
CA ASN E 229 2.96 -16.79 -1.35
C ASN E 229 1.60 -16.80 -2.04
N LEU E 230 1.60 -17.03 -3.35
CA LEU E 230 0.36 -17.08 -4.13
C LEU E 230 -0.59 -18.17 -3.59
N THR E 231 -0.02 -19.33 -3.26
CA THR E 231 -0.79 -20.40 -2.65
C THR E 231 -1.40 -19.94 -1.33
N LEU E 232 -0.54 -19.41 -0.46
CA LEU E 232 -0.96 -18.88 0.83
C LEU E 232 -2.03 -17.82 0.67
N TRP E 233 -1.82 -16.92 -0.28
CA TRP E 233 -2.68 -15.76 -0.45
C TRP E 233 -4.03 -16.10 -1.05
N THR E 234 -4.07 -17.17 -1.84
CA THR E 234 -5.32 -17.67 -2.38
C THR E 234 -5.95 -18.65 -1.38
N SER E 235 -5.49 -18.55 -0.13
CA SER E 235 -6.02 -19.32 0.99
C SER E 235 -5.81 -20.82 0.81
N VAL F 4 1.45 -17.82 10.59
CA VAL F 4 2.16 -17.90 9.32
C VAL F 4 2.02 -16.59 8.55
N THR F 5 3.14 -16.09 8.02
CA THR F 5 3.13 -14.84 7.27
C THR F 5 3.76 -15.04 5.89
N SER F 6 3.63 -14.01 5.06
CA SER F 6 4.19 -14.02 3.73
C SER F 6 5.72 -14.11 3.77
N SER F 7 6.30 -14.83 2.83
CA SER F 7 7.74 -14.89 2.70
C SER F 7 8.25 -13.75 1.82
N SEP F 8 9.32 -13.09 2.26
CA SEP F 8 9.95 -12.02 1.48
CB SEP F 8 10.01 -10.72 2.30
OG SEP F 8 10.65 -10.95 3.54
C SEP F 8 11.35 -12.45 1.01
O SEP F 8 11.82 -13.55 1.30
P SEP F 8 10.83 -9.65 4.48
O1P SEP F 8 11.80 -10.05 5.68
O2P SEP F 8 9.39 -9.18 5.05
O3P SEP F 8 11.51 -8.46 3.64
N CYS F 9 12.01 -11.55 0.27
CA CYS F 9 13.24 -11.88 -0.43
C CYS F 9 14.43 -12.10 0.51
N PRO F 10 15.23 -13.14 0.25
CA PRO F 10 16.55 -13.28 0.89
C PRO F 10 17.35 -11.99 0.78
N ALA F 11 18.14 -11.66 1.80
CA ALA F 11 18.91 -10.42 1.80
C ALA F 11 20.18 -10.51 0.96
N ASP F 12 20.58 -11.73 0.61
CA ASP F 12 21.84 -11.94 -0.11
C ASP F 12 21.61 -12.39 -1.55
N LEU F 13 22.64 -12.21 -2.37
CA LEU F 13 22.66 -12.77 -3.72
C LEU F 13 23.86 -13.69 -3.85
N THR F 14 23.71 -14.76 -4.62
CA THR F 14 24.83 -15.66 -4.88
C THR F 14 25.77 -15.05 -5.90
N ASP G 3 9.91 -0.79 41.54
CA ASP G 3 8.97 -1.90 41.46
C ASP G 3 9.64 -3.20 40.99
N ARG G 4 9.94 -4.06 41.95
CA ARG G 4 10.65 -5.32 41.71
C ARG G 4 9.92 -6.22 40.73
N GLU G 5 8.61 -6.36 40.88
CA GLU G 5 7.85 -7.29 40.07
C GLU G 5 7.80 -6.88 38.58
N GLN G 6 7.85 -5.59 38.30
CA GLN G 6 7.91 -5.12 36.92
C GLN G 6 9.21 -5.51 36.24
N LEU G 7 10.30 -5.31 36.96
CA LEU G 7 11.63 -5.73 36.51
C LEU G 7 11.64 -7.21 36.15
N VAL G 8 11.08 -8.04 37.03
CA VAL G 8 11.02 -9.47 36.75
C VAL G 8 10.11 -9.78 35.56
N GLN G 9 8.96 -9.09 35.46
CA GLN G 9 8.10 -9.24 34.27
C GLN G 9 8.86 -8.86 33.00
N LYS G 10 9.66 -7.81 33.09
CA LYS G 10 10.44 -7.36 31.93
C LYS G 10 11.47 -8.43 31.55
N ALA G 11 12.07 -9.08 32.55
CA ALA G 11 13.00 -10.16 32.29
C ALA G 11 12.31 -11.29 31.54
N ARG G 12 11.08 -11.59 31.96
CA ARG G 12 10.30 -12.64 31.32
C ARG G 12 9.98 -12.30 29.87
N LEU G 13 9.67 -11.02 29.63
CA LEU G 13 9.35 -10.54 28.29
C LEU G 13 10.57 -10.58 27.41
N ALA G 14 11.68 -10.12 27.97
CA ALA G 14 12.95 -10.13 27.26
C ALA G 14 13.27 -11.54 26.79
N GLU G 15 13.01 -12.52 27.66
CA GLU G 15 13.33 -13.90 27.36
C GLU G 15 12.52 -14.39 26.18
N GLN G 16 11.21 -14.13 26.23
CA GLN G 16 10.31 -14.52 25.15
CA GLN G 16 10.30 -14.50 25.16
C GLN G 16 10.70 -13.82 23.86
N ALA G 17 11.16 -12.58 23.96
CA ALA G 17 11.62 -11.81 22.80
C ALA G 17 13.07 -12.13 22.40
N GLU G 18 13.71 -13.04 23.13
CA GLU G 18 15.11 -13.41 22.93
C GLU G 18 16.02 -12.19 22.91
N ARG G 19 15.78 -11.31 23.88
CA ARG G 19 16.61 -10.14 24.08
C ARG G 19 17.33 -10.30 25.42
N TYR G 20 18.45 -11.03 25.38
CA TYR G 20 19.06 -11.53 26.60
C TYR G 20 19.90 -10.47 27.30
N ASP G 21 20.38 -9.47 26.56
CA ASP G 21 21.02 -8.33 27.20
C ASP G 21 20.04 -7.64 28.14
N ASP G 22 18.83 -7.37 27.64
CA ASP G 22 17.77 -6.76 28.46
C ASP G 22 17.44 -7.66 29.65
N MET G 23 17.34 -8.96 29.38
CA MET G 23 16.98 -9.95 30.37
C MET G 23 17.98 -9.97 31.51
N ALA G 24 19.27 -9.92 31.18
CA ALA G 24 20.31 -9.90 32.19
C ALA G 24 20.28 -8.60 32.99
N ALA G 25 20.10 -7.49 32.29
CA ALA G 25 20.08 -6.18 32.93
C ALA G 25 18.91 -6.06 33.91
N ALA G 26 17.78 -6.67 33.57
CA ALA G 26 16.63 -6.62 34.46
C ALA G 26 16.90 -7.47 35.71
N MET G 27 17.44 -8.67 35.51
CA MET G 27 17.69 -9.55 36.65
C MET G 27 18.87 -9.06 37.49
N LYS G 28 19.83 -8.37 36.87
CA LYS G 28 20.86 -7.70 37.65
C LYS G 28 20.26 -6.64 38.60
N ASN G 29 19.36 -5.82 38.07
CA ASN G 29 18.68 -4.83 38.89
C ASN G 29 17.84 -5.48 40.00
N VAL G 30 17.14 -6.55 39.65
CA VAL G 30 16.35 -7.28 40.63
C VAL G 30 17.23 -7.77 41.79
N THR G 31 18.36 -8.37 41.44
CA THR G 31 19.28 -8.91 42.44
C THR G 31 19.80 -7.81 43.38
N GLU G 32 20.11 -6.66 42.80
CA GLU G 32 20.71 -5.56 43.55
C GLU G 32 19.71 -4.93 44.54
N LEU G 33 18.45 -5.33 44.48
CA LEU G 33 17.49 -4.91 45.51
C LEU G 33 17.73 -5.65 46.81
N ASN G 34 18.64 -6.62 46.76
CA ASN G 34 19.11 -7.34 47.94
C ASN G 34 18.02 -8.17 48.63
N GLU G 35 16.98 -8.52 47.89
CA GLU G 35 16.01 -9.49 48.35
C GLU G 35 16.27 -10.81 47.62
N PRO G 36 15.99 -11.94 48.27
CA PRO G 36 16.44 -13.23 47.73
C PRO G 36 15.69 -13.57 46.46
N LEU G 37 16.33 -14.31 45.55
CA LEU G 37 15.66 -14.76 44.35
C LEU G 37 14.91 -16.05 44.64
N SER G 38 13.70 -16.18 44.10
CA SER G 38 12.99 -17.45 44.11
C SER G 38 13.66 -18.40 43.12
N ASN G 39 13.26 -19.66 43.10
CA ASN G 39 13.89 -20.59 42.17
C ASN G 39 13.67 -20.15 40.72
N GLU G 40 12.51 -19.58 40.43
CA GLU G 40 12.22 -19.16 39.05
C GLU G 40 13.06 -17.94 38.67
N GLU G 41 13.27 -17.04 39.63
CA GLU G 41 14.02 -15.82 39.38
C GLU G 41 15.48 -16.14 39.19
N ARG G 42 15.95 -17.07 40.01
CA ARG G 42 17.29 -17.62 39.90
C ARG G 42 17.49 -18.21 38.52
N ASN G 43 16.49 -18.95 38.02
CA ASN G 43 16.55 -19.50 36.68
C ASN G 43 16.62 -18.41 35.62
N LEU G 44 15.82 -17.35 35.77
CA LEU G 44 15.89 -16.21 34.83
C LEU G 44 17.28 -15.57 34.82
N LEU G 45 17.83 -15.32 36.01
CA LEU G 45 19.17 -14.77 36.12
C LEU G 45 20.17 -15.65 35.35
N SER G 46 20.14 -16.95 35.64
CA SER G 46 21.09 -17.90 35.11
C SER G 46 20.98 -18.04 33.59
N VAL G 47 19.75 -18.15 33.09
CA VAL G 47 19.50 -18.27 31.66
C VAL G 47 19.94 -16.99 30.93
N ALA G 48 19.64 -15.84 31.53
CA ALA G 48 20.01 -14.56 30.95
C ALA G 48 21.51 -14.44 30.76
N TYR G 49 22.27 -14.58 31.84
CA TYR G 49 23.70 -14.33 31.71
C TYR G 49 24.38 -15.42 30.92
N LYS G 50 23.82 -16.63 30.92
CA LYS G 50 24.38 -17.73 30.14
C LYS G 50 24.30 -17.44 28.64
N ASN G 51 23.23 -16.79 28.22
CA ASN G 51 23.11 -16.45 26.80
C ASN G 51 24.00 -15.28 26.46
N VAL G 52 23.99 -14.28 27.32
CA VAL G 52 24.85 -13.13 27.14
C VAL G 52 26.31 -13.57 27.07
N VAL G 53 26.77 -14.35 28.03
CA VAL G 53 28.18 -14.75 28.00
C VAL G 53 28.43 -15.78 26.91
N GLY G 54 27.43 -16.62 26.65
CA GLY G 54 27.52 -17.70 25.67
C GLY G 54 27.71 -17.19 24.24
N ALA G 55 26.94 -16.18 23.87
CA ALA G 55 27.06 -15.59 22.53
C ALA G 55 28.50 -15.11 22.30
N ARG G 56 29.10 -14.56 23.35
CA ARG G 56 30.44 -14.03 23.22
C ARG G 56 31.50 -15.12 23.23
N ARG G 57 31.28 -16.20 23.99
CA ARG G 57 32.19 -17.34 23.95
C ARG G 57 32.15 -17.95 22.56
N SER G 58 30.95 -18.13 22.03
CA SER G 58 30.80 -18.68 20.68
C SER G 58 31.52 -17.81 19.66
N SER G 59 31.33 -16.49 19.75
CA SER G 59 31.99 -15.55 18.83
C SER G 59 33.52 -15.57 19.00
N TRP G 60 33.98 -15.66 20.24
CA TRP G 60 35.40 -15.65 20.54
C TRP G 60 36.08 -16.85 19.91
N ARG G 61 35.40 -17.99 19.94
CA ARG G 61 35.94 -19.23 19.38
C ARG G 61 36.07 -19.13 17.87
N VAL G 62 35.03 -18.61 17.22
CA VAL G 62 35.07 -18.38 15.78
C VAL G 62 36.24 -17.48 15.41
N ILE G 63 36.35 -16.33 16.06
CA ILE G 63 37.43 -15.38 15.73
C ILE G 63 38.83 -15.97 16.02
N SER G 64 38.95 -16.65 17.16
CA SER G 64 40.22 -17.26 17.55
C SER G 64 40.63 -18.32 16.53
N SER G 65 39.67 -19.11 16.09
CA SER G 65 39.90 -20.12 15.06
C SER G 65 40.36 -19.49 13.75
N ILE G 66 39.72 -18.37 13.38
CA ILE G 66 40.10 -17.68 12.16
C ILE G 66 41.54 -17.18 12.30
N GLU G 67 41.86 -16.64 13.47
CA GLU G 67 43.19 -16.11 13.76
C GLU G 67 44.27 -17.19 13.63
N GLN G 68 43.93 -18.41 14.05
CA GLN G 68 44.88 -19.50 13.97
C GLN G 68 45.18 -19.90 12.51
N LYS G 69 44.21 -19.80 11.63
CA LYS G 69 44.36 -20.30 10.25
C LYS G 69 44.75 -19.22 9.23
N THR G 70 45.19 -18.07 9.73
CA THR G 70 45.64 -16.96 8.87
C THR G 70 47.10 -16.56 9.16
N GLU G 76 48.91 -9.09 7.20
CA GLU G 76 49.38 -8.51 8.45
C GLU G 76 48.43 -7.40 8.91
N LYS G 77 47.86 -6.67 7.96
CA LYS G 77 46.79 -5.72 8.27
C LYS G 77 45.54 -6.50 8.63
N LYS G 78 45.43 -7.67 8.03
CA LYS G 78 44.33 -8.59 8.28
C LYS G 78 44.42 -9.18 9.68
N ILE G 79 45.61 -9.67 10.03
CA ILE G 79 45.81 -10.31 11.32
C ILE G 79 45.65 -9.30 12.46
N GLU G 80 46.01 -8.05 12.20
CA GLU G 80 45.91 -7.03 13.23
C GLU G 80 44.44 -6.73 13.54
N MET G 81 43.60 -6.72 12.51
CA MET G 81 42.18 -6.52 12.70
C MET G 81 41.56 -7.73 13.40
N VAL G 82 41.97 -8.94 13.00
CA VAL G 82 41.45 -10.15 13.63
C VAL G 82 41.75 -10.16 15.13
N ARG G 83 43.01 -9.86 15.49
CA ARG G 83 43.40 -9.77 16.89
C ARG G 83 42.63 -8.69 17.63
N ALA G 84 42.53 -7.51 17.03
CA ALA G 84 41.83 -6.41 17.68
C ALA G 84 40.36 -6.77 17.91
N TYR G 85 39.76 -7.50 16.97
CA TYR G 85 38.37 -7.88 17.10
C TYR G 85 38.20 -8.92 18.21
N ARG G 86 39.05 -9.95 18.20
CA ARG G 86 39.07 -10.94 19.28
C ARG G 86 39.15 -10.25 20.64
N GLU G 87 40.04 -9.26 20.75
CA GLU G 87 40.23 -8.53 22.00
C GLU G 87 38.99 -7.73 22.40
N LYS G 88 38.32 -7.15 21.41
CA LYS G 88 37.05 -6.48 21.66
C LYS G 88 36.06 -7.44 22.32
N ILE G 89 35.96 -8.65 21.77
CA ILE G 89 35.06 -9.67 22.32
C ILE G 89 35.51 -10.15 23.72
N GLU G 90 36.81 -10.26 23.95
CA GLU G 90 37.32 -10.65 25.26
C GLU G 90 36.94 -9.63 26.33
N LYS G 91 37.04 -8.36 25.98
CA LYS G 91 36.71 -7.30 26.92
C LYS G 91 35.22 -7.29 27.28
N GLU G 92 34.35 -7.57 26.30
CA GLU G 92 32.91 -7.73 26.60
C GLU G 92 32.68 -8.91 27.56
N LEU G 93 33.21 -10.05 27.18
CA LEU G 93 33.13 -11.26 27.99
C LEU G 93 33.59 -10.98 29.43
N GLU G 94 34.75 -10.36 29.58
CA GLU G 94 35.27 -10.04 30.91
C GLU G 94 34.32 -9.12 31.68
N ALA G 95 33.73 -8.14 30.99
CA ALA G 95 32.78 -7.24 31.64
C ALA G 95 31.54 -7.97 32.14
N VAL G 96 31.05 -8.91 31.35
CA VAL G 96 29.85 -9.66 31.71
C VAL G 96 30.15 -10.55 32.93
N CYS G 97 31.27 -11.26 32.85
CA CYS G 97 31.70 -12.14 33.93
C CYS G 97 31.90 -11.36 35.22
N GLN G 98 32.51 -10.18 35.11
CA GLN G 98 32.68 -9.32 36.27
C GLN G 98 31.33 -8.92 36.90
N ASP G 99 30.35 -8.61 36.05
CA ASP G 99 29.01 -8.29 36.54
C ASP G 99 28.37 -9.43 37.33
N VAL G 100 28.42 -10.66 36.80
CA VAL G 100 27.83 -11.82 37.48
CA VAL G 100 27.80 -11.78 37.51
C VAL G 100 28.55 -12.08 38.80
N LEU G 101 29.88 -12.07 38.74
CA LEU G 101 30.71 -12.38 39.90
C LEU G 101 30.48 -11.40 41.05
N SER G 102 30.25 -10.14 40.71
CA SER G 102 29.88 -9.15 41.73
C SER G 102 28.50 -9.44 42.32
N LEU G 103 27.55 -9.80 41.47
CA LEU G 103 26.23 -10.15 41.98
C LEU G 103 26.32 -11.32 42.98
N LEU G 104 27.03 -12.36 42.59
CA LEU G 104 27.20 -13.56 43.40
C LEU G 104 27.89 -13.26 44.75
N ASP G 105 28.99 -12.50 44.72
CA ASP G 105 29.72 -12.20 45.97
C ASP G 105 28.99 -11.18 46.84
N ASN G 106 28.40 -10.17 46.23
CA ASN G 106 27.84 -9.05 46.97
C ASN G 106 26.40 -9.28 47.41
N TYR G 107 25.73 -10.24 46.80
CA TYR G 107 24.32 -10.46 47.11
C TYR G 107 23.96 -11.92 47.27
N LEU G 108 24.18 -12.71 46.22
CA LEU G 108 23.54 -14.01 46.10
C LEU G 108 24.13 -15.05 47.08
N ILE G 109 25.44 -15.29 47.01
CA ILE G 109 26.11 -16.17 47.95
C ILE G 109 26.00 -15.60 49.36
N LYS G 110 26.19 -14.28 49.45
CA LYS G 110 26.23 -13.58 50.73
C LYS G 110 25.02 -13.82 51.62
N ASN G 111 23.83 -13.85 51.03
CA ASN G 111 22.60 -13.90 51.80
C ASN G 111 22.07 -15.32 52.00
N CYS G 112 22.79 -16.32 51.48
CA CYS G 112 22.45 -17.71 51.79
C CYS G 112 22.66 -18.02 53.27
N SER G 113 21.61 -18.51 53.94
CA SER G 113 21.72 -18.90 55.35
C SER G 113 22.43 -20.24 55.49
N GLU G 114 22.77 -20.61 56.72
CA GLU G 114 23.55 -21.81 57.00
C GLU G 114 23.03 -23.06 56.28
N THR G 115 21.72 -23.26 56.26
CA THR G 115 21.20 -24.50 55.69
C THR G 115 20.50 -24.33 54.34
N GLN G 116 20.78 -23.22 53.67
CA GLN G 116 20.34 -23.07 52.28
C GLN G 116 21.42 -23.65 51.36
N TYR G 117 21.55 -24.97 51.43
CA TYR G 117 22.58 -25.70 50.71
C TYR G 117 22.40 -25.68 49.21
N GLU G 118 21.18 -25.91 48.74
CA GLU G 118 20.94 -25.92 47.31
C GLU G 118 21.31 -24.58 46.68
N SER G 119 20.88 -23.48 47.29
CA SER G 119 21.24 -22.16 46.78
C SER G 119 22.75 -21.93 46.84
N LYS G 120 23.40 -22.33 47.93
CA LYS G 120 24.85 -22.17 48.02
C LYS G 120 25.56 -22.94 46.92
N VAL G 121 25.16 -24.20 46.70
CA VAL G 121 25.81 -24.99 45.65
C VAL G 121 25.52 -24.38 44.27
N PHE G 122 24.27 -24.00 44.04
CA PHE G 122 23.90 -23.31 42.79
C PHE G 122 24.76 -22.05 42.51
N TYR G 123 24.89 -21.19 43.51
CA TYR G 123 25.58 -19.92 43.31
C TYR G 123 27.12 -20.07 43.27
N LEU G 124 27.65 -20.99 44.05
CA LEU G 124 29.09 -21.27 44.01
C LEU G 124 29.48 -21.96 42.71
N LYS G 125 28.59 -22.81 42.21
CA LYS G 125 28.81 -23.44 40.91
C LYS G 125 28.85 -22.38 39.81
N MET G 126 27.90 -21.45 39.88
CA MET G 126 27.82 -20.34 38.94
C MET G 126 29.10 -19.49 39.02
N LYS G 127 29.57 -19.25 40.24
CA LYS G 127 30.82 -18.53 40.46
C LYS G 127 31.96 -19.25 39.74
N GLY G 128 32.03 -20.57 39.93
CA GLY G 128 33.07 -21.35 39.28
C GLY G 128 32.93 -21.30 37.77
N ASP G 129 31.69 -21.23 37.31
CA ASP G 129 31.39 -21.15 35.88
C ASP G 129 31.95 -19.89 35.24
N TYR G 130 31.69 -18.73 35.82
CA TYR G 130 32.07 -17.49 35.16
C TYR G 130 33.54 -17.15 35.37
N TYR G 131 34.16 -17.68 36.41
CA TYR G 131 35.62 -17.62 36.47
C TYR G 131 36.23 -18.57 35.44
N ARG G 132 35.53 -19.67 35.14
CA ARG G 132 36.02 -20.59 34.11
C ARG G 132 35.97 -19.94 32.72
N TYR G 133 34.92 -19.15 32.49
CA TYR G 133 34.77 -18.47 31.19
C TYR G 133 35.84 -17.40 31.05
N LEU G 134 36.15 -16.72 32.14
CA LEU G 134 37.31 -15.83 32.14
C LEU G 134 38.58 -16.61 31.79
N ALA G 135 38.73 -17.77 32.40
CA ALA G 135 39.94 -18.59 32.22
C ALA G 135 40.05 -19.11 30.79
N GLU G 136 38.93 -19.16 30.07
CA GLU G 136 38.98 -19.67 28.71
C GLU G 136 39.74 -18.72 27.80
N VAL G 137 39.76 -17.42 28.14
CA VAL G 137 40.41 -16.44 27.28
C VAL G 137 41.61 -15.73 27.93
N ALA G 138 41.78 -15.90 29.24
CA ALA G 138 42.89 -15.27 29.93
C ALA G 138 44.23 -15.94 29.59
N THR G 139 45.31 -15.17 29.73
CA THR G 139 46.69 -15.68 29.66
C THR G 139 47.53 -15.18 30.82
N GLY G 140 48.74 -15.71 30.94
CA GLY G 140 49.70 -15.22 31.91
C GLY G 140 49.31 -15.39 33.37
N GLU G 141 49.65 -14.39 34.18
CA GLU G 141 49.32 -14.40 35.60
C GLU G 141 47.84 -14.19 35.82
N LYS G 142 47.22 -13.42 34.94
CA LYS G 142 45.79 -13.18 35.04
C LYS G 142 45.04 -14.49 34.88
N ARG G 143 45.51 -15.36 34.00
CA ARG G 143 44.89 -16.65 33.84
C ARG G 143 44.99 -17.47 35.13
N ALA G 144 46.20 -17.57 35.69
CA ALA G 144 46.41 -18.37 36.90
C ALA G 144 45.44 -17.96 38.00
N THR G 145 45.23 -16.66 38.15
CA THR G 145 44.33 -16.12 39.15
C THR G 145 42.89 -16.56 38.95
N VAL G 146 42.34 -16.40 37.74
CA VAL G 146 40.93 -16.72 37.58
C VAL G 146 40.73 -18.25 37.60
N VAL G 147 41.75 -19.00 37.18
CA VAL G 147 41.71 -20.46 37.26
C VAL G 147 41.64 -20.92 38.73
N GLU G 148 42.41 -20.25 39.57
CA GLU G 148 42.42 -20.56 41.00
C GLU G 148 41.06 -20.21 41.63
N SER G 149 40.48 -19.08 41.21
CA SER G 149 39.20 -18.67 41.75
C SER G 149 38.09 -19.60 41.32
N SER G 150 38.14 -20.04 40.06
CA SER G 150 37.17 -21.02 39.56
C SER G 150 37.20 -22.31 40.38
N GLU G 151 38.40 -22.85 40.55
CA GLU G 151 38.56 -24.12 41.27
C GLU G 151 38.11 -24.04 42.72
N LYS G 152 38.36 -22.91 43.38
CA LYS G 152 37.96 -22.75 44.77
C LYS G 152 36.44 -22.65 44.90
N ALA G 153 35.79 -22.03 43.91
CA ALA G 153 34.34 -21.96 43.94
C ALA G 153 33.74 -23.35 43.76
N TYR G 154 34.21 -24.06 42.73
CA TYR G 154 33.72 -25.41 42.45
C TYR G 154 33.99 -26.34 43.64
N SER G 155 35.19 -26.24 44.21
CA SER G 155 35.62 -27.07 45.33
C SER G 155 34.69 -26.92 46.53
N GLU G 156 34.42 -25.69 46.92
CA GLU G 156 33.52 -25.45 48.05
C GLU G 156 32.09 -25.90 47.73
N ALA G 157 31.66 -25.73 46.47
CA ALA G 157 30.32 -26.18 46.10
C ALA G 157 30.24 -27.69 46.18
N HIS G 158 31.31 -28.36 45.73
CA HIS G 158 31.40 -29.81 45.72
C HIS G 158 31.34 -30.39 47.13
N GLU G 159 32.09 -29.80 48.07
CA GLU G 159 32.07 -30.29 49.47
C GLU G 159 30.67 -30.16 50.08
N ILE G 160 30.03 -29.02 49.90
CA ILE G 160 28.65 -28.83 50.37
C ILE G 160 27.69 -29.85 49.72
N SER G 161 27.78 -30.01 48.40
CA SER G 161 26.89 -30.93 47.69
C SER G 161 27.13 -32.37 48.14
N LYS G 162 28.39 -32.72 48.40
CA LYS G 162 28.78 -34.04 48.89
C LYS G 162 28.17 -34.32 50.26
N GLU G 163 28.20 -33.32 51.14
CA GLU G 163 27.78 -33.51 52.52
C GLU G 163 26.26 -33.32 52.74
N HIS G 164 25.64 -32.49 51.91
CA HIS G 164 24.29 -32.05 52.21
C HIS G 164 23.27 -32.23 51.08
N MET G 165 23.65 -32.90 50.00
CA MET G 165 22.71 -33.14 48.90
C MET G 165 22.81 -34.58 48.45
N GLN G 166 21.74 -35.08 47.87
CA GLN G 166 21.70 -36.44 47.35
C GLN G 166 22.45 -36.51 46.02
N PRO G 167 23.14 -37.64 45.76
CA PRO G 167 23.88 -37.86 44.51
C PRO G 167 23.04 -37.66 43.25
N THR G 168 21.74 -37.79 43.37
CA THR G 168 20.82 -37.72 42.23
C THR G 168 20.31 -36.31 41.97
N HIS G 169 20.54 -35.39 42.92
CA HIS G 169 20.06 -34.04 42.75
C HIS G 169 20.72 -33.39 41.53
N PRO G 170 19.91 -32.81 40.64
CA PRO G 170 20.38 -32.22 39.37
C PRO G 170 21.35 -31.07 39.59
N ILE G 171 21.21 -30.34 40.68
CA ILE G 171 22.15 -29.26 40.97
C ILE G 171 23.53 -29.84 41.28
N ARG G 172 23.56 -30.93 42.05
CA ARG G 172 24.84 -31.57 42.37
C ARG G 172 25.43 -32.23 41.13
N LEU G 173 24.59 -32.89 40.33
CA LEU G 173 25.08 -33.54 39.12
C LEU G 173 25.61 -32.48 38.13
N GLY G 174 24.89 -31.37 38.02
CA GLY G 174 25.29 -30.27 37.16
C GLY G 174 26.61 -29.66 37.57
N LEU G 175 26.83 -29.57 38.88
CA LEU G 175 28.12 -29.12 39.41
C LEU G 175 29.25 -30.07 39.00
N ALA G 176 29.04 -31.36 39.22
CA ALA G 176 30.03 -32.38 38.88
C ALA G 176 30.38 -32.32 37.40
N LEU G 177 29.37 -32.09 36.56
CA LEU G 177 29.56 -31.96 35.14
C LEU G 177 30.53 -30.82 34.82
N ASN G 178 30.21 -29.62 35.29
CA ASN G 178 31.02 -28.45 34.97
C ASN G 178 32.38 -28.48 35.64
N TYR G 179 32.42 -29.03 36.86
CA TYR G 179 33.67 -29.20 37.56
C TYR G 179 34.60 -30.13 36.76
N SER G 180 34.04 -31.22 36.24
CA SER G 180 34.85 -32.13 35.45
C SER G 180 35.30 -31.45 34.14
N VAL G 181 34.44 -30.62 33.55
CA VAL G 181 34.80 -29.87 32.35
C VAL G 181 35.96 -28.92 32.65
N PHE G 182 35.93 -28.32 33.82
CA PHE G 182 37.00 -27.46 34.28
C PHE G 182 38.35 -28.22 34.35
N TYR G 183 38.32 -29.41 34.94
CA TYR G 183 39.53 -30.24 35.03
C TYR G 183 40.06 -30.54 33.62
N TYR G 184 39.16 -30.92 32.72
CA TYR G 184 39.58 -31.33 31.38
C TYR G 184 40.05 -30.14 30.55
N GLU G 185 39.17 -29.16 30.37
CA GLU G 185 39.40 -28.08 29.43
C GLU G 185 40.33 -27.00 29.96
N ILE G 186 40.27 -26.71 31.24
CA ILE G 186 41.04 -25.62 31.81
C ILE G 186 42.36 -26.10 32.46
N GLN G 187 42.29 -27.20 33.21
CA GLN G 187 43.46 -27.68 33.94
C GLN G 187 44.26 -28.67 33.12
N ASN G 188 43.67 -29.14 32.01
CA ASN G 188 44.29 -30.17 31.20
C ASN G 188 44.63 -31.37 32.08
N ALA G 189 43.66 -31.77 32.90
CA ALA G 189 43.81 -32.89 33.81
C ALA G 189 42.78 -33.97 33.50
N PRO G 190 42.97 -34.70 32.39
CA PRO G 190 41.95 -35.64 31.91
C PRO G 190 41.60 -36.77 32.88
N GLU G 191 42.56 -37.19 33.70
CA GLU G 191 42.27 -38.26 34.64
C GLU G 191 41.38 -37.80 35.78
N GLN G 192 41.67 -36.63 36.35
CA GLN G 192 40.78 -36.05 37.34
C GLN G 192 39.38 -35.83 36.77
N ALA G 193 39.34 -35.30 35.55
CA ALA G 193 38.08 -34.99 34.87
C ALA G 193 37.22 -36.23 34.72
N CYS G 194 37.81 -37.29 34.18
CA CYS G 194 37.09 -38.55 33.95
C CYS G 194 36.69 -39.17 35.29
N HIS G 195 37.58 -39.14 36.26
CA HIS G 195 37.25 -39.74 37.54
C HIS G 195 36.05 -39.04 38.18
N LEU G 196 36.08 -37.71 38.24
CA LEU G 196 34.95 -36.95 38.76
C LEU G 196 33.68 -37.28 37.98
N ALA G 197 33.77 -37.24 36.66
CA ALA G 197 32.59 -37.45 35.82
C ALA G 197 32.00 -38.85 36.04
N LYS G 198 32.86 -39.86 36.07
CA LYS G 198 32.41 -41.24 36.20
C LYS G 198 31.82 -41.54 37.58
N THR G 199 32.46 -41.05 38.63
CA THR G 199 31.98 -41.32 39.98
C THR G 199 30.62 -40.65 40.19
N ALA G 200 30.50 -39.40 39.74
CA ALA G 200 29.24 -38.68 39.86
C ALA G 200 28.11 -39.47 39.20
N PHE G 201 28.35 -39.92 37.97
CA PHE G 201 27.41 -40.75 37.22
C PHE G 201 27.14 -42.06 37.94
N ASP G 202 28.19 -42.71 38.43
CA ASP G 202 28.00 -43.99 39.10
C ASP G 202 27.23 -43.85 40.40
N ASP G 203 27.46 -42.75 41.12
CA ASP G 203 26.81 -42.54 42.40
C ASP G 203 25.32 -42.23 42.26
N ALA G 204 24.89 -41.87 41.06
CA ALA G 204 23.50 -41.45 40.84
C ALA G 204 22.66 -42.49 40.12
N ILE G 205 23.29 -43.34 39.32
CA ILE G 205 22.55 -44.07 38.28
C ILE G 205 21.54 -45.04 38.86
N ALA G 206 21.92 -45.71 39.96
CA ALA G 206 21.10 -46.75 40.54
C ALA G 206 19.78 -46.20 41.08
N GLU G 207 19.80 -44.96 41.57
CA GLU G 207 18.63 -44.43 42.26
C GLU G 207 17.93 -43.31 41.49
N LEU G 208 18.27 -43.15 40.21
CA LEU G 208 17.58 -42.18 39.36
C LEU G 208 16.07 -42.36 39.44
N ASP G 209 15.64 -43.63 39.47
CA ASP G 209 14.26 -44.06 39.72
C ASP G 209 13.45 -43.17 40.63
N THR G 210 14.09 -42.78 41.73
CA THR G 210 13.38 -42.25 42.88
C THR G 210 13.21 -40.74 42.84
N LEU G 211 13.66 -40.12 41.76
CA LEU G 211 13.51 -38.68 41.61
C LEU G 211 12.06 -38.31 41.28
N ASN G 212 11.66 -37.12 41.71
CA ASN G 212 10.50 -36.40 41.19
C ASN G 212 10.60 -36.22 39.66
N GLU G 213 9.47 -36.13 38.96
CA GLU G 213 9.46 -36.12 37.48
C GLU G 213 10.25 -34.96 36.86
N ASP G 214 10.24 -33.80 37.50
CA ASP G 214 10.96 -32.66 36.93
C ASP G 214 12.46 -32.84 37.15
N SER G 215 12.84 -33.16 38.38
CA SER G 215 14.22 -33.46 38.72
C SER G 215 14.77 -34.60 37.87
N TYR G 216 13.94 -35.61 37.66
CA TYR G 216 14.33 -36.76 36.85
C TYR G 216 14.68 -36.33 35.44
N LYS G 217 13.89 -35.43 34.87
CA LYS G 217 14.18 -34.93 33.54
C LYS G 217 15.54 -34.23 33.51
N ASP G 218 15.77 -33.34 34.48
CA ASP G 218 17.02 -32.56 34.52
C ASP G 218 18.23 -33.44 34.74
N SER G 219 18.14 -34.34 35.71
CA SER G 219 19.26 -35.20 36.05
C SER G 219 19.61 -36.17 34.93
N THR G 220 18.59 -36.72 34.28
CA THR G 220 18.78 -37.61 33.14
C THR G 220 19.60 -36.93 32.04
N LEU G 221 19.30 -35.67 31.77
CA LEU G 221 20.02 -34.95 30.73
C LEU G 221 21.48 -34.77 31.12
N ILE G 222 21.71 -34.34 32.35
CA ILE G 222 23.07 -34.13 32.84
C ILE G 222 23.86 -35.43 32.83
N MET G 223 23.20 -36.53 33.20
CA MET G 223 23.81 -37.84 33.20
C MET G 223 24.31 -38.19 31.79
N GLN G 224 23.46 -37.97 30.79
CA GLN G 224 23.85 -38.23 29.40
C GLN G 224 25.01 -37.35 29.00
N LEU G 225 24.99 -36.09 29.42
CA LEU G 225 26.11 -35.19 29.15
C LEU G 225 27.39 -35.70 29.80
N LEU G 226 27.29 -36.24 31.02
CA LEU G 226 28.43 -36.83 31.70
C LEU G 226 28.98 -37.99 30.88
N ARG G 227 28.09 -38.86 30.43
CA ARG G 227 28.44 -40.02 29.63
C ARG G 227 29.03 -39.62 28.26
N ASP G 228 28.45 -38.61 27.63
CA ASP G 228 28.95 -38.16 26.35
C ASP G 228 30.34 -37.58 26.50
N ASN G 229 30.57 -36.84 27.58
CA ASN G 229 31.90 -36.28 27.84
C ASN G 229 32.94 -37.36 28.04
N LEU G 230 32.59 -38.36 28.85
CA LEU G 230 33.48 -39.49 29.11
C LEU G 230 33.86 -40.22 27.81
N THR G 231 32.88 -40.44 26.94
CA THR G 231 33.15 -41.06 25.65
C THR G 231 34.14 -40.22 24.84
N LEU G 232 33.83 -38.93 24.72
CA LEU G 232 34.69 -37.99 24.01
C LEU G 232 36.09 -37.94 24.60
N TRP G 233 36.18 -37.94 25.93
CA TRP G 233 37.45 -37.74 26.61
C TRP G 233 38.30 -39.01 26.57
N THR G 234 37.67 -40.15 26.34
CA THR G 234 38.42 -41.41 26.25
C THR G 234 38.44 -41.91 24.80
N SER G 235 38.50 -40.96 23.87
CA SER G 235 38.57 -41.30 22.45
C SER G 235 39.61 -40.42 21.75
N VAL H 4 34.16 -30.14 17.77
CA VAL H 4 33.62 -30.78 18.96
C VAL H 4 34.33 -30.30 20.23
N THR H 5 33.54 -30.12 21.29
CA THR H 5 34.10 -29.75 22.58
C THR H 5 33.25 -30.34 23.70
N SER H 6 33.76 -30.21 24.93
CA SER H 6 33.06 -30.71 26.10
C SER H 6 31.68 -30.08 26.27
N SER H 7 30.69 -30.89 26.64
CA SER H 7 29.38 -30.34 26.99
C SER H 7 29.35 -29.98 28.45
N SEP H 8 28.71 -28.86 28.77
CA SEP H 8 28.56 -28.40 30.14
CB SEP H 8 29.29 -27.07 30.34
OG SEP H 8 28.73 -26.10 29.47
C SEP H 8 27.08 -28.28 30.49
O SEP H 8 26.22 -28.48 29.63
P SEP H 8 29.39 -24.64 29.63
O1P SEP H 8 30.95 -24.76 29.28
O2P SEP H 8 28.63 -23.67 28.61
O3P SEP H 8 29.24 -24.15 31.14
N CYS H 9 26.79 -27.94 31.73
CA CYS H 9 25.42 -27.99 32.26
C CYS H 9 24.48 -26.96 31.64
N PRO H 10 23.21 -27.35 31.41
CA PRO H 10 22.14 -26.39 31.09
C PRO H 10 22.05 -25.28 32.14
N ALA H 11 21.63 -24.09 31.72
CA ALA H 11 21.55 -22.94 32.63
C ALA H 11 20.33 -22.98 33.53
N ASP H 12 19.40 -23.87 33.19
CA ASP H 12 18.06 -23.87 33.79
C ASP H 12 17.73 -25.17 34.50
N LEU H 13 16.82 -25.07 35.46
CA LEU H 13 16.21 -26.22 36.10
C LEU H 13 14.74 -26.31 35.70
N THR H 14 14.05 -27.32 36.19
CA THR H 14 12.64 -27.49 35.92
C THR H 14 11.84 -27.38 37.22
NA NA I . 16.52 10.79 -26.26
MG MG J . -58.13 1.25 -14.77
#